data_3BNY
#
_entry.id   3BNY
#
_cell.length_a   61.654
_cell.length_b   147.862
_cell.length_c   83.954
_cell.angle_alpha   90.00
_cell.angle_beta   97.84
_cell.angle_gamma   90.00
#
_symmetry.space_group_name_H-M   'P 1 21 1'
#
loop_
_entity.id
_entity.type
_entity.pdbx_description
1 polymer 'Aristolochene synthase'
2 non-polymer '(2Z,6E)-2-fluoro-3,7,11-trimethyldodeca-2,6,10-trien-1-yl trihydrogen diphosphate'
3 non-polymer 'CHLORIDE ION'
4 non-polymer BETA-MERCAPTOETHANOL
5 non-polymer 'MAGNESIUM ION'
6 water water
#
_entity_poly.entity_id   1
_entity_poly.type   'polypeptide(L)'
_entity_poly.pdbx_seq_one_letter_code
;MKKPNGTNGASSSLEPPPSTFQPLCHPLVEEVSKEVDGYFLQHWNFPNEKARKKFVAAGFSRVTCLYFPKALDDRIHFAC
RLLTVLFLIDDLLEYMSFEEGSAYNEKLIPISRGDVLPDRSIPVEYIIYDLWESMRAHDREMADEILEPVFLFMRAQTDR
TRARPMGLGGYLEYRERDVGKELLAALMRFSMGLKLSPSELQRVREIDANCSKHLSVVNDIYSYEKELYTSKTAHSEGGI
LCTSVQILAQEADVTAEAAKRVLFVMCREWELRHQLLVARLSAEGLETPGLAAYVEGLEYQMSGNELWSQTTLRYSVVVD
;
_entity_poly.pdbx_strand_id   A,B,C,D
#
# COMPACT_ATOMS: atom_id res chain seq x y z
N SER A 13 -2.21 -24.16 19.84
CA SER A 13 -3.43 -23.90 20.66
C SER A 13 -4.04 -22.50 20.42
N LEU A 14 -3.21 -21.47 20.50
CA LEU A 14 -3.64 -20.07 20.34
C LEU A 14 -4.49 -19.70 21.54
N GLU A 15 -3.91 -18.95 22.46
CA GLU A 15 -4.58 -18.51 23.68
C GLU A 15 -5.02 -17.06 23.47
N PRO A 16 -6.32 -16.78 23.54
CA PRO A 16 -6.72 -15.38 23.35
C PRO A 16 -6.13 -14.54 24.46
N PRO A 17 -5.70 -13.29 24.16
CA PRO A 17 -5.14 -12.49 25.24
C PRO A 17 -6.28 -12.08 26.17
N PRO A 18 -5.94 -11.52 27.34
CA PRO A 18 -6.94 -11.10 28.33
C PRO A 18 -7.88 -10.06 27.73
N SER A 19 -9.12 -10.05 28.22
CA SER A 19 -10.12 -9.10 27.75
C SER A 19 -11.06 -8.70 28.86
N THR A 20 -11.55 -7.47 28.81
CA THR A 20 -12.48 -7.02 29.84
C THR A 20 -13.90 -7.27 29.39
N PHE A 21 -14.08 -7.82 28.18
CA PHE A 21 -15.43 -8.12 27.67
C PHE A 21 -15.70 -9.60 27.97
N GLN A 22 -16.97 -10.00 27.93
CA GLN A 22 -17.34 -11.39 28.15
C GLN A 22 -18.58 -11.76 27.31
N PRO A 23 -18.65 -13.01 26.81
CA PRO A 23 -19.81 -13.38 26.01
C PRO A 23 -21.06 -13.51 26.89
N LEU A 24 -22.22 -13.30 26.28
CA LEU A 24 -23.50 -13.36 26.99
C LEU A 24 -24.57 -13.86 26.03
N CYS A 25 -25.50 -14.69 26.50
CA CYS A 25 -26.56 -15.20 25.63
C CYS A 25 -27.93 -14.69 26.09
N HIS A 26 -28.87 -14.52 25.16
CA HIS A 26 -30.19 -14.05 25.53
C HIS A 26 -30.85 -15.09 26.44
N PRO A 27 -31.47 -14.64 27.53
CA PRO A 27 -32.14 -15.53 28.50
C PRO A 27 -33.14 -16.50 27.86
N LEU A 28 -33.85 -16.06 26.84
CA LEU A 28 -34.85 -16.91 26.23
C LEU A 28 -34.34 -17.82 25.13
N VAL A 29 -33.03 -17.96 25.02
CA VAL A 29 -32.43 -18.78 23.96
C VAL A 29 -33.09 -20.17 23.77
N GLU A 30 -33.37 -20.88 24.85
CA GLU A 30 -33.98 -22.20 24.73
C GLU A 30 -35.37 -22.21 24.06
N GLU A 31 -36.25 -21.35 24.55
CA GLU A 31 -37.62 -21.26 24.02
C GLU A 31 -37.66 -20.74 22.59
N VAL A 32 -36.93 -19.66 22.33
CA VAL A 32 -36.92 -19.10 20.99
C VAL A 32 -36.35 -20.09 19.99
N SER A 33 -35.25 -20.74 20.36
CA SER A 33 -34.60 -21.71 19.47
C SER A 33 -35.62 -22.79 19.04
N LYS A 34 -36.33 -23.37 20.00
CA LYS A 34 -37.35 -24.38 19.69
C LYS A 34 -38.46 -23.81 18.80
N GLU A 35 -38.94 -22.62 19.13
CA GLU A 35 -40.01 -21.95 18.40
C GLU A 35 -39.61 -21.69 16.94
N VAL A 36 -38.43 -21.11 16.74
CA VAL A 36 -37.97 -20.81 15.39
C VAL A 36 -37.49 -22.03 14.60
N ASP A 37 -36.81 -22.97 15.26
CA ASP A 37 -36.36 -24.21 14.59
C ASP A 37 -37.56 -25.01 14.07
N GLY A 38 -38.61 -25.09 14.87
CA GLY A 38 -39.81 -25.83 14.47
C GLY A 38 -40.43 -25.21 13.24
N TYR A 39 -40.45 -23.89 13.19
CA TYR A 39 -41.05 -23.21 12.05
C TYR A 39 -40.36 -23.62 10.76
N PHE A 40 -39.04 -23.57 10.76
CA PHE A 40 -38.30 -23.93 9.57
C PHE A 40 -38.38 -25.41 9.26
N LEU A 41 -38.36 -26.24 10.30
CA LEU A 41 -38.46 -27.68 10.08
C LEU A 41 -39.81 -28.01 9.41
N GLN A 42 -40.82 -27.21 9.71
CA GLN A 42 -42.14 -27.42 9.14
C GLN A 42 -42.28 -26.89 7.73
N HIS A 43 -41.68 -25.75 7.45
CA HIS A 43 -41.83 -25.11 6.14
C HIS A 43 -40.68 -25.25 5.16
N TRP A 44 -39.46 -25.13 5.66
CA TRP A 44 -38.30 -25.19 4.79
C TRP A 44 -38.18 -26.58 4.15
N ASN A 45 -38.01 -26.60 2.83
CA ASN A 45 -37.89 -27.87 2.12
C ASN A 45 -36.49 -28.47 2.21
N PHE A 46 -36.24 -29.20 3.29
CA PHE A 46 -34.95 -29.86 3.47
C PHE A 46 -34.98 -31.15 2.65
N PRO A 47 -33.92 -31.43 1.87
CA PRO A 47 -33.80 -32.63 1.03
C PRO A 47 -34.03 -33.94 1.76
N ASN A 48 -33.12 -34.27 2.68
CA ASN A 48 -33.20 -35.51 3.44
C ASN A 48 -33.25 -35.26 4.94
N GLU A 49 -33.30 -36.35 5.70
CA GLU A 49 -33.36 -36.24 7.14
C GLU A 49 -32.06 -35.60 7.59
N LYS A 50 -30.94 -36.13 7.10
CA LYS A 50 -29.61 -35.64 7.40
C LYS A 50 -29.63 -34.11 7.50
N ALA A 51 -30.19 -33.48 6.47
CA ALA A 51 -30.29 -32.03 6.41
C ALA A 51 -30.93 -31.44 7.67
N ARG A 52 -32.01 -32.07 8.13
CA ARG A 52 -32.71 -31.61 9.32
C ARG A 52 -31.85 -31.75 10.58
N LYS A 53 -30.97 -32.75 10.58
CA LYS A 53 -30.09 -32.98 11.73
C LYS A 53 -28.99 -31.93 11.73
N LYS A 54 -28.50 -31.62 10.54
CA LYS A 54 -27.44 -30.64 10.40
C LYS A 54 -28.01 -29.27 10.77
N PHE A 55 -29.20 -28.97 10.27
CA PHE A 55 -29.85 -27.70 10.55
C PHE A 55 -30.03 -27.46 12.05
N VAL A 56 -30.61 -28.43 12.76
CA VAL A 56 -30.82 -28.23 14.19
C VAL A 56 -29.46 -28.10 14.87
N ALA A 57 -28.47 -28.85 14.41
CA ALA A 57 -27.13 -28.77 14.99
C ALA A 57 -26.49 -27.37 14.80
N ALA A 58 -26.70 -26.75 13.65
CA ALA A 58 -26.14 -25.41 13.40
C ALA A 58 -26.70 -24.40 14.41
N GLY A 59 -27.93 -24.65 14.86
CA GLY A 59 -28.58 -23.78 15.84
C GLY A 59 -28.49 -22.29 15.56
N PHE A 60 -29.02 -21.86 14.42
CA PHE A 60 -28.96 -20.44 14.06
C PHE A 60 -29.62 -19.52 15.09
N SER A 61 -30.64 -20.00 15.81
CA SER A 61 -31.28 -19.18 16.84
C SER A 61 -30.33 -19.03 18.03
N ARG A 62 -29.51 -20.05 18.30
CA ARG A 62 -28.57 -19.94 19.43
C ARG A 62 -27.46 -18.92 19.03
N VAL A 63 -27.03 -18.95 17.77
CA VAL A 63 -26.01 -18.00 17.29
C VAL A 63 -26.60 -16.60 17.46
N THR A 64 -27.81 -16.39 16.95
CA THR A 64 -28.47 -15.08 17.06
C THR A 64 -28.52 -14.55 18.49
N CYS A 65 -28.80 -15.43 19.46
CA CYS A 65 -28.92 -15.02 20.85
C CYS A 65 -27.57 -14.69 21.51
N LEU A 66 -26.51 -15.16 20.89
CA LEU A 66 -25.18 -14.88 21.42
C LEU A 66 -24.79 -13.48 20.94
N TYR A 67 -25.22 -13.12 19.74
CA TYR A 67 -24.92 -11.80 19.17
C TYR A 67 -25.78 -10.66 19.71
N PHE A 68 -27.04 -10.97 20.05
CA PHE A 68 -27.99 -9.96 20.53
C PHE A 68 -28.58 -10.33 21.90
N PRO A 69 -27.74 -10.55 22.93
CA PRO A 69 -28.22 -10.93 24.28
C PRO A 69 -29.06 -9.91 25.04
N LYS A 70 -29.11 -8.67 24.58
CA LYS A 70 -29.87 -7.63 25.24
C LYS A 70 -31.12 -7.29 24.44
N ALA A 71 -31.41 -8.12 23.45
CA ALA A 71 -32.60 -7.91 22.61
C ALA A 71 -33.83 -7.94 23.52
N LEU A 72 -34.93 -7.35 23.06
CA LEU A 72 -36.17 -7.35 23.84
C LEU A 72 -36.77 -8.75 23.77
N ASP A 73 -37.42 -9.18 24.84
CA ASP A 73 -38.03 -10.52 24.89
C ASP A 73 -39.01 -10.84 23.77
N ASP A 74 -39.83 -9.87 23.38
CA ASP A 74 -40.80 -10.11 22.32
C ASP A 74 -40.29 -9.80 20.91
N ARG A 75 -38.99 -9.49 20.79
CA ARG A 75 -38.39 -9.20 19.47
C ARG A 75 -37.25 -10.12 19.07
N ILE A 76 -36.65 -10.81 20.02
CA ILE A 76 -35.52 -11.67 19.70
C ILE A 76 -35.87 -12.71 18.64
N HIS A 77 -37.12 -13.19 18.62
CA HIS A 77 -37.48 -14.20 17.63
C HIS A 77 -37.49 -13.69 16.21
N PHE A 78 -37.78 -12.41 16.01
CA PHE A 78 -37.76 -11.85 14.67
C PHE A 78 -36.32 -11.89 14.13
N ALA A 79 -35.37 -11.67 15.03
CA ALA A 79 -33.95 -11.67 14.67
C ALA A 79 -33.49 -13.10 14.36
N CYS A 80 -33.94 -14.06 15.14
CA CYS A 80 -33.58 -15.47 14.89
C CYS A 80 -34.16 -15.98 13.57
N ARG A 81 -35.35 -15.53 13.21
CA ARG A 81 -35.99 -15.97 11.98
C ARG A 81 -35.31 -15.35 10.78
N LEU A 82 -34.93 -14.09 10.90
CA LEU A 82 -34.31 -13.40 9.81
C LEU A 82 -32.92 -13.97 9.52
N LEU A 83 -32.07 -14.11 10.55
CA LEU A 83 -30.73 -14.66 10.34
C LEU A 83 -30.83 -16.14 9.89
N THR A 84 -31.81 -16.87 10.43
CA THR A 84 -31.99 -18.27 10.05
C THR A 84 -32.24 -18.43 8.55
N VAL A 85 -33.20 -17.69 8.01
CA VAL A 85 -33.47 -17.81 6.59
C VAL A 85 -32.28 -17.29 5.79
N LEU A 86 -31.62 -16.26 6.33
CA LEU A 86 -30.47 -15.72 5.64
C LEU A 86 -29.31 -16.73 5.58
N PHE A 87 -29.15 -17.51 6.65
CA PHE A 87 -28.12 -18.55 6.72
C PHE A 87 -28.46 -19.67 5.70
N LEU A 88 -29.72 -20.04 5.67
CA LEU A 88 -30.17 -21.08 4.76
C LEU A 88 -29.97 -20.62 3.32
N ILE A 89 -30.35 -19.39 3.03
CA ILE A 89 -30.16 -18.90 1.67
C ILE A 89 -28.65 -18.91 1.36
N ASP A 90 -27.84 -18.45 2.33
CA ASP A 90 -26.38 -18.40 2.14
C ASP A 90 -25.83 -19.74 1.63
N ASP A 91 -26.20 -20.82 2.31
CA ASP A 91 -25.79 -22.15 1.93
C ASP A 91 -26.26 -22.49 0.49
N LEU A 92 -27.55 -22.27 0.20
CA LEU A 92 -28.07 -22.58 -1.14
C LEU A 92 -27.31 -21.85 -2.23
N LEU A 93 -27.01 -20.58 -2.01
CA LEU A 93 -26.31 -19.80 -3.00
C LEU A 93 -24.98 -20.45 -3.35
N GLU A 94 -24.49 -21.29 -2.46
CA GLU A 94 -23.22 -21.98 -2.64
C GLU A 94 -23.34 -22.94 -3.84
N TYR A 95 -24.55 -23.41 -4.08
CA TYR A 95 -24.82 -24.33 -5.18
C TYR A 95 -25.43 -23.61 -6.39
N MET A 96 -25.16 -22.32 -6.50
CA MET A 96 -25.71 -21.53 -7.61
C MET A 96 -24.63 -20.63 -8.22
N SER A 97 -24.86 -20.21 -9.46
CA SER A 97 -23.93 -19.32 -10.15
C SER A 97 -24.20 -17.88 -9.68
N PHE A 98 -23.30 -16.97 -10.03
CA PHE A 98 -23.46 -15.57 -9.66
C PHE A 98 -24.80 -15.05 -10.17
N GLU A 99 -25.00 -15.20 -11.47
CA GLU A 99 -26.22 -14.74 -12.14
C GLU A 99 -27.50 -15.30 -11.56
N GLU A 100 -27.49 -16.59 -11.28
CA GLU A 100 -28.67 -17.26 -10.73
C GLU A 100 -28.91 -16.81 -9.31
N GLY A 101 -27.83 -16.78 -8.54
CA GLY A 101 -27.89 -16.36 -7.15
C GLY A 101 -28.44 -14.96 -7.05
N SER A 102 -28.01 -14.09 -7.96
CA SER A 102 -28.46 -12.71 -7.97
C SER A 102 -29.96 -12.64 -8.27
N ALA A 103 -30.40 -13.43 -9.25
CA ALA A 103 -31.82 -13.43 -9.62
C ALA A 103 -32.65 -13.97 -8.47
N TYR A 104 -32.16 -15.04 -7.84
CA TYR A 104 -32.85 -15.65 -6.72
C TYR A 104 -33.13 -14.59 -5.64
N ASN A 105 -32.10 -13.94 -5.13
CA ASN A 105 -32.32 -12.94 -4.09
C ASN A 105 -33.10 -11.73 -4.60
N GLU A 106 -32.85 -11.33 -5.84
CA GLU A 106 -33.54 -10.18 -6.37
C GLU A 106 -35.06 -10.38 -6.35
N LYS A 107 -35.50 -11.62 -6.55
CA LYS A 107 -36.93 -11.94 -6.54
C LYS A 107 -37.53 -11.76 -5.14
N LEU A 108 -36.73 -12.00 -4.12
CA LEU A 108 -37.16 -11.91 -2.74
C LEU A 108 -37.27 -10.52 -2.13
N ILE A 109 -36.67 -9.52 -2.77
CA ILE A 109 -36.69 -8.16 -2.24
C ILE A 109 -38.09 -7.51 -2.32
N PRO A 110 -38.73 -7.52 -3.51
CA PRO A 110 -40.06 -6.92 -3.62
C PRO A 110 -40.98 -7.64 -2.62
N ILE A 111 -40.75 -8.94 -2.45
CA ILE A 111 -41.55 -9.77 -1.54
C ILE A 111 -41.33 -9.38 -0.10
N SER A 112 -40.08 -9.03 0.25
CA SER A 112 -39.79 -8.63 1.63
C SER A 112 -40.52 -7.34 1.89
N ARG A 113 -40.55 -6.49 0.86
CA ARG A 113 -41.18 -5.18 0.92
C ARG A 113 -42.70 -5.28 1.05
N GLY A 114 -43.27 -6.42 0.64
CA GLY A 114 -44.70 -6.63 0.68
C GLY A 114 -45.38 -6.09 -0.57
N ASP A 115 -44.57 -5.78 -1.59
CA ASP A 115 -45.08 -5.25 -2.83
C ASP A 115 -45.57 -6.33 -3.80
N VAL A 116 -44.96 -7.51 -3.68
CA VAL A 116 -45.31 -8.64 -4.53
C VAL A 116 -45.69 -9.83 -3.64
N LEU A 117 -46.78 -10.49 -4.01
CA LEU A 117 -47.27 -11.64 -3.27
C LEU A 117 -46.31 -12.79 -3.50
N PRO A 118 -46.14 -13.65 -2.49
CA PRO A 118 -45.25 -14.80 -2.63
C PRO A 118 -45.97 -15.95 -3.33
N ASP A 119 -45.18 -16.84 -3.91
CA ASP A 119 -45.74 -18.04 -4.47
C ASP A 119 -45.78 -19.02 -3.32
N ARG A 120 -46.96 -19.13 -2.73
CA ARG A 120 -47.24 -19.95 -1.59
C ARG A 120 -46.75 -21.41 -1.74
N SER A 121 -46.36 -21.79 -2.97
CA SER A 121 -45.85 -23.12 -3.24
C SER A 121 -44.31 -23.18 -3.07
N ILE A 122 -43.67 -22.01 -2.96
CA ILE A 122 -42.23 -21.93 -2.78
C ILE A 122 -41.98 -21.38 -1.37
N PRO A 123 -41.60 -22.25 -0.43
CA PRO A 123 -41.34 -21.87 0.96
C PRO A 123 -40.49 -20.60 1.19
N VAL A 124 -39.34 -20.51 0.54
CA VAL A 124 -38.53 -19.33 0.76
C VAL A 124 -39.30 -18.05 0.43
N GLU A 125 -40.16 -18.11 -0.58
CA GLU A 125 -40.93 -16.93 -0.95
C GLU A 125 -41.96 -16.55 0.11
N TYR A 126 -42.75 -17.51 0.60
CA TYR A 126 -43.73 -17.13 1.59
C TYR A 126 -43.16 -16.96 2.99
N ILE A 127 -42.03 -17.62 3.27
CA ILE A 127 -41.39 -17.49 4.60
C ILE A 127 -40.93 -16.03 4.74
N ILE A 128 -40.21 -15.56 3.72
CA ILE A 128 -39.73 -14.17 3.72
C ILE A 128 -40.93 -13.22 3.79
N TYR A 129 -41.92 -13.45 2.94
CA TYR A 129 -43.09 -12.57 2.91
C TYR A 129 -43.72 -12.42 4.28
N ASP A 130 -44.01 -13.56 4.90
CA ASP A 130 -44.66 -13.54 6.19
C ASP A 130 -43.80 -12.94 7.30
N LEU A 131 -42.49 -13.19 7.27
CA LEU A 131 -41.65 -12.65 8.34
C LEU A 131 -41.69 -11.13 8.33
N TRP A 132 -41.54 -10.53 7.15
CA TRP A 132 -41.57 -9.08 7.06
C TRP A 132 -42.97 -8.54 7.39
N GLU A 133 -44.01 -9.22 6.91
CA GLU A 133 -45.35 -8.76 7.25
C GLU A 133 -45.49 -8.72 8.77
N SER A 134 -45.04 -9.76 9.45
CA SER A 134 -45.11 -9.83 10.92
C SER A 134 -44.25 -8.78 11.62
N MET A 135 -43.09 -8.46 11.07
CA MET A 135 -42.26 -7.46 11.72
C MET A 135 -42.96 -6.11 11.61
N ARG A 136 -43.47 -5.81 10.42
CA ARG A 136 -44.16 -4.55 10.22
C ARG A 136 -45.38 -4.48 11.12
N ALA A 137 -45.92 -5.64 11.47
CA ALA A 137 -47.10 -5.67 12.33
C ALA A 137 -46.70 -5.34 13.76
N HIS A 138 -45.46 -5.66 14.13
CA HIS A 138 -44.99 -5.40 15.49
C HIS A 138 -44.49 -3.97 15.66
N ASP A 139 -43.80 -3.45 14.64
CA ASP A 139 -43.26 -2.09 14.70
C ASP A 139 -42.93 -1.65 13.29
N ARG A 140 -43.94 -1.11 12.62
CA ARG A 140 -43.84 -0.65 11.24
C ARG A 140 -42.61 0.22 10.97
N GLU A 141 -42.43 1.24 11.80
CA GLU A 141 -41.35 2.17 11.69
C GLU A 141 -39.99 1.46 11.70
N MET A 142 -39.77 0.66 12.74
CA MET A 142 -38.51 -0.03 12.87
C MET A 142 -38.31 -1.13 11.85
N ALA A 143 -39.38 -1.84 11.47
CA ALA A 143 -39.24 -2.88 10.46
C ALA A 143 -38.81 -2.26 9.12
N ASP A 144 -39.43 -1.14 8.78
CA ASP A 144 -39.12 -0.48 7.53
C ASP A 144 -37.67 0.02 7.52
N GLU A 145 -37.15 0.41 8.67
CA GLU A 145 -35.79 0.92 8.76
C GLU A 145 -34.73 -0.15 8.51
N ILE A 146 -35.05 -1.40 8.75
CA ILE A 146 -34.05 -2.45 8.50
C ILE A 146 -34.16 -3.08 7.12
N LEU A 147 -35.09 -2.59 6.30
CA LEU A 147 -35.25 -3.08 4.94
C LEU A 147 -33.96 -2.93 4.12
N GLU A 148 -33.47 -1.71 3.96
CA GLU A 148 -32.28 -1.54 3.13
C GLU A 148 -31.04 -2.29 3.62
N PRO A 149 -30.77 -2.33 4.94
CA PRO A 149 -29.61 -3.04 5.47
C PRO A 149 -29.69 -4.52 5.03
N VAL A 150 -30.89 -5.11 5.10
CA VAL A 150 -31.02 -6.50 4.67
C VAL A 150 -30.80 -6.62 3.16
N PHE A 151 -31.35 -5.72 2.37
CA PHE A 151 -31.15 -5.80 0.92
C PHE A 151 -29.69 -5.56 0.48
N LEU A 152 -28.99 -4.69 1.21
CA LEU A 152 -27.59 -4.41 0.86
C LEU A 152 -26.82 -5.70 1.03
N PHE A 153 -27.14 -6.41 2.10
CA PHE A 153 -26.51 -7.64 2.44
C PHE A 153 -26.85 -8.74 1.45
N MET A 154 -28.14 -8.84 1.14
CA MET A 154 -28.60 -9.87 0.22
C MET A 154 -27.96 -9.69 -1.12
N ARG A 155 -27.82 -8.45 -1.59
CA ARG A 155 -27.20 -8.21 -2.88
C ARG A 155 -25.68 -8.48 -2.83
N ALA A 156 -25.11 -8.41 -1.63
CA ALA A 156 -23.68 -8.64 -1.47
C ALA A 156 -23.34 -10.12 -1.42
N GLN A 157 -24.33 -10.95 -1.06
CA GLN A 157 -24.10 -12.38 -0.99
C GLN A 157 -23.65 -12.93 -2.35
N THR A 158 -23.84 -12.16 -3.40
CA THR A 158 -23.46 -12.62 -4.73
C THR A 158 -22.55 -11.69 -5.53
N ASP A 159 -22.18 -10.52 -5.00
CA ASP A 159 -21.32 -9.62 -5.78
C ASP A 159 -19.89 -10.18 -5.91
N ARG A 160 -19.20 -9.76 -6.98
CA ARG A 160 -17.82 -10.23 -7.25
C ARG A 160 -16.73 -9.40 -6.59
N THR A 161 -15.83 -10.08 -5.89
CA THR A 161 -14.71 -9.42 -5.21
C THR A 161 -13.50 -9.37 -6.14
N ARG A 162 -13.02 -8.16 -6.39
CA ARG A 162 -11.87 -7.91 -7.26
C ARG A 162 -10.55 -7.97 -6.47
N ALA A 163 -9.61 -8.79 -6.90
CA ALA A 163 -8.31 -8.89 -6.23
C ALA A 163 -7.40 -7.73 -6.62
N ARG A 164 -6.72 -7.16 -5.64
CA ARG A 164 -5.80 -6.06 -5.89
C ARG A 164 -4.84 -5.96 -4.73
N PRO A 165 -3.61 -5.47 -4.98
CA PRO A 165 -2.62 -5.34 -3.90
C PRO A 165 -3.25 -4.62 -2.70
N MET A 166 -3.23 -5.26 -1.54
CA MET A 166 -3.86 -4.64 -0.38
C MET A 166 -3.06 -4.75 0.92
N GLY A 167 -2.73 -3.61 1.52
CA GLY A 167 -2.01 -3.60 2.78
C GLY A 167 -3.00 -3.75 3.93
N LEU A 168 -2.47 -3.75 5.16
CA LEU A 168 -3.31 -3.91 6.35
C LEU A 168 -4.33 -2.79 6.49
N GLY A 169 -3.86 -1.55 6.33
CA GLY A 169 -4.75 -0.41 6.45
C GLY A 169 -5.87 -0.44 5.42
N GLY A 170 -5.52 -0.78 4.17
CA GLY A 170 -6.53 -0.81 3.13
C GLY A 170 -7.55 -1.90 3.42
N TYR A 171 -7.07 -3.04 3.91
CA TYR A 171 -7.92 -4.16 4.24
C TYR A 171 -8.89 -3.80 5.40
N LEU A 172 -8.33 -3.21 6.45
CA LEU A 172 -9.15 -2.84 7.61
C LEU A 172 -10.20 -1.82 7.24
N GLU A 173 -9.84 -0.86 6.39
CA GLU A 173 -10.80 0.16 6.00
C GLU A 173 -11.94 -0.47 5.17
N TYR A 174 -11.61 -1.51 4.43
CA TYR A 174 -12.59 -2.21 3.61
C TYR A 174 -13.53 -2.91 4.60
N ARG A 175 -12.97 -3.59 5.59
CA ARG A 175 -13.81 -4.28 6.57
C ARG A 175 -14.66 -3.32 7.41
N GLU A 176 -14.24 -2.06 7.52
CA GLU A 176 -15.05 -1.11 8.32
C GLU A 176 -16.39 -0.89 7.63
N ARG A 177 -16.45 -1.15 6.32
CA ARG A 177 -17.69 -0.96 5.58
C ARG A 177 -18.40 -2.29 5.30
N ASP A 178 -18.04 -3.35 6.04
CA ASP A 178 -18.65 -4.66 5.83
C ASP A 178 -20.18 -4.63 6.02
N VAL A 179 -20.91 -4.98 4.94
CA VAL A 179 -22.37 -4.98 4.96
C VAL A 179 -22.95 -6.00 5.91
N GLY A 180 -22.24 -7.11 6.13
CA GLY A 180 -22.70 -8.12 7.07
C GLY A 180 -22.70 -7.56 8.50
N LYS A 181 -21.64 -6.85 8.86
CA LYS A 181 -21.56 -6.27 10.20
C LYS A 181 -22.59 -5.15 10.34
N GLU A 182 -22.81 -4.40 9.26
CA GLU A 182 -23.79 -3.31 9.22
C GLU A 182 -25.16 -3.94 9.49
N LEU A 183 -25.42 -5.08 8.84
CA LEU A 183 -26.68 -5.77 9.05
C LEU A 183 -26.86 -6.10 10.55
N LEU A 184 -25.83 -6.69 11.15
CA LEU A 184 -25.87 -7.08 12.56
C LEU A 184 -26.23 -5.92 13.47
N ALA A 185 -25.66 -4.76 13.18
CA ALA A 185 -25.89 -3.59 14.02
C ALA A 185 -27.31 -3.08 13.85
N ALA A 186 -27.79 -3.05 12.60
CA ALA A 186 -29.16 -2.59 12.33
C ALA A 186 -30.19 -3.53 12.94
N LEU A 187 -29.95 -4.83 12.83
CA LEU A 187 -30.87 -5.80 13.39
C LEU A 187 -30.86 -5.74 14.92
N MET A 188 -29.69 -5.42 15.48
CA MET A 188 -29.56 -5.33 16.93
C MET A 188 -30.42 -4.17 17.39
N ARG A 189 -30.37 -3.06 16.66
CA ARG A 189 -31.18 -1.91 17.06
C ARG A 189 -32.65 -2.29 17.00
N PHE A 190 -33.07 -2.93 15.91
CA PHE A 190 -34.46 -3.35 15.77
C PHE A 190 -34.86 -4.24 16.93
N SER A 191 -34.03 -5.26 17.19
CA SER A 191 -34.26 -6.24 18.27
C SER A 191 -34.27 -5.63 19.67
N MET A 192 -33.58 -4.51 19.82
CA MET A 192 -33.51 -3.84 21.10
C MET A 192 -34.47 -2.63 21.20
N GLY A 193 -35.25 -2.40 20.14
CA GLY A 193 -36.20 -1.30 20.12
C GLY A 193 -35.53 0.07 20.20
N LEU A 194 -34.28 0.17 19.74
CA LEU A 194 -33.57 1.44 19.79
C LEU A 194 -33.70 2.22 18.49
N LYS A 195 -34.52 3.28 18.49
CA LYS A 195 -34.71 4.14 17.32
C LYS A 195 -33.79 5.34 17.54
N LEU A 196 -32.68 5.34 16.82
CA LEU A 196 -31.70 6.38 16.93
C LEU A 196 -31.88 7.36 15.81
N SER A 197 -31.78 8.65 16.12
CA SER A 197 -31.89 9.72 15.14
C SER A 197 -30.62 9.75 14.31
N PRO A 198 -30.61 10.50 13.19
CA PRO A 198 -29.41 10.58 12.35
C PRO A 198 -28.26 11.21 13.13
N SER A 199 -28.56 12.16 14.00
CA SER A 199 -27.51 12.80 14.79
C SER A 199 -26.87 11.77 15.75
N GLU A 200 -27.70 10.94 16.36
CA GLU A 200 -27.13 9.92 17.26
C GLU A 200 -26.22 8.96 16.46
N LEU A 201 -26.68 8.48 15.31
CA LEU A 201 -25.88 7.55 14.48
C LEU A 201 -24.58 8.20 14.00
N GLN A 202 -24.64 9.48 13.65
CA GLN A 202 -23.45 10.18 13.18
C GLN A 202 -22.45 10.22 14.30
N ARG A 203 -22.95 10.41 15.52
CA ARG A 203 -22.15 10.49 16.74
C ARG A 203 -21.35 9.21 17.02
N VAL A 204 -21.87 8.07 16.56
CA VAL A 204 -21.18 6.81 16.82
C VAL A 204 -20.48 6.16 15.61
N ARG A 205 -20.22 6.95 14.59
CA ARG A 205 -19.54 6.48 13.38
C ARG A 205 -18.21 5.81 13.70
N GLU A 206 -17.37 6.47 14.49
CA GLU A 206 -16.06 5.91 14.87
C GLU A 206 -16.21 4.63 15.69
N ILE A 207 -17.22 4.60 16.56
CA ILE A 207 -17.42 3.41 17.39
C ILE A 207 -17.87 2.28 16.48
N ASP A 208 -18.76 2.56 15.53
CA ASP A 208 -19.20 1.51 14.60
C ASP A 208 -18.04 0.90 13.78
N ALA A 209 -17.19 1.78 13.25
CA ALA A 209 -16.01 1.42 12.43
C ALA A 209 -15.04 0.52 13.21
N ASN A 210 -14.77 0.92 14.45
CA ASN A 210 -13.90 0.19 15.34
C ASN A 210 -14.45 -1.22 15.62
N CYS A 211 -15.74 -1.32 15.91
CA CYS A 211 -16.39 -2.61 16.18
C CYS A 211 -16.41 -3.53 14.96
N SER A 212 -16.68 -2.95 13.79
CA SER A 212 -16.73 -3.70 12.55
C SER A 212 -15.38 -4.37 12.28
N LYS A 213 -14.29 -3.65 12.51
CA LYS A 213 -12.94 -4.20 12.34
C LYS A 213 -12.73 -5.34 13.34
N HIS A 214 -13.07 -5.11 14.61
CA HIS A 214 -12.89 -6.14 15.63
C HIS A 214 -13.58 -7.43 15.18
N LEU A 215 -14.85 -7.33 14.86
CA LEU A 215 -15.60 -8.51 14.43
C LEU A 215 -14.91 -9.23 13.25
N SER A 216 -14.49 -8.45 12.26
CA SER A 216 -13.89 -9.00 11.04
C SER A 216 -12.57 -9.67 11.30
N VAL A 217 -11.69 -9.04 12.06
CA VAL A 217 -10.38 -9.67 12.32
C VAL A 217 -10.51 -10.94 13.18
N VAL A 218 -11.41 -10.93 14.18
CA VAL A 218 -11.59 -12.11 15.00
C VAL A 218 -12.08 -13.25 14.10
N ASN A 219 -13.01 -12.95 13.19
CA ASN A 219 -13.48 -13.95 12.23
C ASN A 219 -12.25 -14.45 11.44
N ASP A 220 -11.41 -13.50 10.98
CA ASP A 220 -10.22 -13.87 10.21
C ASP A 220 -9.33 -14.86 10.93
N ILE A 221 -9.02 -14.54 12.19
CA ILE A 221 -8.15 -15.37 13.02
C ILE A 221 -8.59 -16.83 13.04
N TYR A 222 -9.89 -17.04 13.23
CA TYR A 222 -10.43 -18.39 13.30
C TYR A 222 -10.87 -19.03 12.00
N SER A 223 -11.00 -18.24 10.94
CA SER A 223 -11.44 -18.81 9.66
C SER A 223 -10.26 -19.09 8.74
N TYR A 224 -9.07 -18.66 9.17
CA TYR A 224 -7.86 -18.82 8.35
C TYR A 224 -7.55 -20.23 7.85
N GLU A 225 -7.52 -21.20 8.76
CA GLU A 225 -7.22 -22.56 8.36
C GLU A 225 -8.20 -23.02 7.28
N LYS A 226 -9.49 -22.80 7.52
CA LYS A 226 -10.51 -23.17 6.54
C LYS A 226 -10.24 -22.48 5.21
N GLU A 227 -10.03 -21.16 5.23
CA GLU A 227 -9.77 -20.41 4.01
C GLU A 227 -8.52 -20.92 3.31
N LEU A 228 -7.52 -21.26 4.11
CA LEU A 228 -6.28 -21.78 3.58
C LEU A 228 -6.54 -23.25 3.29
N TYR A 229 -7.37 -23.51 2.29
CA TYR A 229 -7.73 -24.87 1.92
C TYR A 229 -7.40 -25.17 0.45
N LEU A 241 -6.44 -16.07 1.19
CA LEU A 241 -6.63 -15.13 0.09
C LEU A 241 -6.80 -13.69 0.58
N CYS A 242 -8.02 -13.24 0.82
CA CYS A 242 -8.27 -11.86 1.30
C CYS A 242 -8.58 -11.88 2.80
N THR A 243 -7.53 -11.76 3.62
CA THR A 243 -7.69 -11.82 5.08
C THR A 243 -6.57 -11.13 5.82
N SER A 244 -6.89 -10.58 6.98
CA SER A 244 -5.85 -9.87 7.75
C SER A 244 -4.72 -10.81 8.18
N VAL A 245 -5.01 -12.09 8.35
CA VAL A 245 -3.96 -13.01 8.79
C VAL A 245 -2.84 -13.12 7.74
N GLN A 246 -3.21 -13.35 6.49
CA GLN A 246 -2.20 -13.47 5.44
C GLN A 246 -1.51 -12.13 5.16
N ILE A 247 -2.30 -11.06 5.08
CA ILE A 247 -1.74 -9.73 4.82
C ILE A 247 -0.73 -9.32 5.89
N LEU A 248 -1.05 -9.47 7.17
CA LEU A 248 -0.08 -9.09 8.20
C LEU A 248 1.15 -10.01 8.24
N ALA A 249 0.94 -11.29 7.99
CA ALA A 249 2.08 -12.22 7.97
C ALA A 249 3.04 -11.85 6.86
N GLN A 250 2.51 -11.45 5.70
CA GLN A 250 3.35 -11.07 4.58
C GLN A 250 4.02 -9.71 4.84
N GLU A 251 3.27 -8.76 5.39
CA GLU A 251 3.81 -7.42 5.63
C GLU A 251 4.89 -7.42 6.71
N ALA A 252 4.73 -8.24 7.73
CA ALA A 252 5.67 -8.32 8.84
C ALA A 252 6.74 -9.43 8.65
N ASP A 253 6.53 -10.29 7.65
CA ASP A 253 7.38 -11.43 7.34
C ASP A 253 7.46 -12.43 8.51
N VAL A 254 6.27 -12.83 9.01
CA VAL A 254 6.14 -13.80 10.09
C VAL A 254 5.15 -14.88 9.63
N THR A 255 5.02 -15.97 10.38
CA THR A 255 4.06 -17.00 10.00
C THR A 255 2.62 -16.55 10.27
N ALA A 256 1.66 -17.28 9.72
CA ALA A 256 0.25 -16.98 9.92
C ALA A 256 -0.09 -17.12 11.42
N GLU A 257 0.45 -18.13 12.09
CA GLU A 257 0.17 -18.26 13.53
C GLU A 257 0.67 -17.02 14.29
N ALA A 258 1.84 -16.50 13.90
CA ALA A 258 2.38 -15.32 14.56
C ALA A 258 1.46 -14.12 14.28
N ALA A 259 1.04 -14.00 13.02
CA ALA A 259 0.16 -12.91 12.63
C ALA A 259 -1.12 -12.97 13.46
N LYS A 260 -1.67 -14.17 13.64
CA LYS A 260 -2.88 -14.29 14.45
C LYS A 260 -2.65 -13.75 15.85
N ARG A 261 -1.49 -14.04 16.42
CA ARG A 261 -1.20 -13.56 17.79
C ARG A 261 -1.14 -12.05 17.86
N VAL A 262 -0.51 -11.44 16.86
CA VAL A 262 -0.40 -9.98 16.83
C VAL A 262 -1.78 -9.34 16.62
N LEU A 263 -2.56 -9.88 15.69
CA LEU A 263 -3.90 -9.39 15.41
C LEU A 263 -4.83 -9.53 16.61
N PHE A 264 -4.58 -10.54 17.43
CA PHE A 264 -5.45 -10.72 18.59
C PHE A 264 -5.18 -9.57 19.57
N VAL A 265 -3.92 -9.14 19.68
CA VAL A 265 -3.60 -8.03 20.56
C VAL A 265 -4.16 -6.72 19.96
N MET A 266 -4.13 -6.59 18.63
CA MET A 266 -4.71 -5.41 18.00
C MET A 266 -6.21 -5.42 18.39
N CYS A 267 -6.84 -6.60 18.37
CA CYS A 267 -8.27 -6.66 18.74
C CYS A 267 -8.53 -6.16 20.15
N ARG A 268 -7.65 -6.49 21.08
CA ARG A 268 -7.81 -6.02 22.46
C ARG A 268 -7.65 -4.51 22.50
N GLU A 269 -6.77 -3.96 21.65
CA GLU A 269 -6.61 -2.51 21.60
C GLU A 269 -7.92 -1.89 21.11
N TRP A 270 -8.60 -2.53 20.16
CA TRP A 270 -9.87 -1.98 19.68
C TRP A 270 -10.93 -2.03 20.79
N GLU A 271 -10.82 -2.98 21.70
CA GLU A 271 -11.78 -3.04 22.79
C GLU A 271 -11.49 -1.87 23.71
N LEU A 272 -10.20 -1.61 23.95
CA LEU A 272 -9.86 -0.47 24.80
C LEU A 272 -10.38 0.79 24.17
N ARG A 273 -10.18 0.91 22.85
CA ARG A 273 -10.62 2.08 22.11
C ARG A 273 -12.13 2.25 22.19
N HIS A 274 -12.86 1.15 22.10
CA HIS A 274 -14.32 1.24 22.22
C HIS A 274 -14.67 1.89 23.59
N GLN A 275 -14.08 1.39 24.67
CA GLN A 275 -14.31 1.94 26.02
C GLN A 275 -13.92 3.42 26.11
N LEU A 276 -12.79 3.79 25.52
CA LEU A 276 -12.32 5.18 25.53
C LEU A 276 -13.24 6.10 24.73
N LEU A 277 -13.70 5.62 23.57
CA LEU A 277 -14.60 6.41 22.74
C LEU A 277 -15.95 6.59 23.43
N VAL A 278 -16.44 5.56 24.09
CA VAL A 278 -17.70 5.68 24.79
C VAL A 278 -17.53 6.66 25.96
N ALA A 279 -16.39 6.59 26.64
CA ALA A 279 -16.16 7.50 27.77
C ALA A 279 -16.17 8.92 27.25
N ARG A 280 -15.51 9.15 26.12
CA ARG A 280 -15.45 10.47 25.53
C ARG A 280 -16.84 10.96 25.14
N LEU A 281 -17.64 10.06 24.55
CA LEU A 281 -19.01 10.33 24.20
C LEU A 281 -19.72 10.91 25.46
N SER A 282 -19.63 10.15 26.53
CA SER A 282 -20.26 10.54 27.78
C SER A 282 -19.63 11.83 28.34
N ALA A 283 -18.29 11.88 28.34
CA ALA A 283 -17.59 13.07 28.82
C ALA A 283 -18.19 14.33 28.22
N GLU A 284 -18.39 14.32 26.91
CA GLU A 284 -18.87 15.47 26.12
C GLU A 284 -20.34 15.83 26.16
N GLY A 285 -21.23 15.10 26.83
CA GLY A 285 -22.64 15.45 26.89
C GLY A 285 -23.42 14.87 25.70
N LEU A 286 -22.77 13.94 24.97
CA LEU A 286 -23.38 13.39 23.78
C LEU A 286 -23.91 11.96 23.90
N GLU A 287 -23.74 11.31 25.05
CA GLU A 287 -24.26 9.94 25.13
C GLU A 287 -25.70 9.92 25.63
N THR A 288 -26.64 9.60 24.74
CA THR A 288 -28.05 9.53 25.11
C THR A 288 -28.37 8.14 25.66
N PRO A 289 -29.59 7.94 26.20
CA PRO A 289 -29.93 6.62 26.73
C PRO A 289 -29.96 5.57 25.61
N GLY A 290 -30.31 6.02 24.41
CA GLY A 290 -30.36 5.12 23.27
C GLY A 290 -28.96 4.71 22.83
N LEU A 291 -28.04 5.66 22.82
CA LEU A 291 -26.66 5.38 22.43
C LEU A 291 -25.97 4.55 23.51
N ALA A 292 -26.29 4.81 24.78
CA ALA A 292 -25.69 4.03 25.85
C ALA A 292 -26.08 2.56 25.69
N ALA A 293 -27.34 2.28 25.32
CA ALA A 293 -27.78 0.88 25.18
C ALA A 293 -27.09 0.30 23.93
N TYR A 294 -27.05 1.13 22.90
CA TYR A 294 -26.45 0.72 21.65
C TYR A 294 -24.96 0.36 21.75
N VAL A 295 -24.14 1.19 22.39
CA VAL A 295 -22.72 0.86 22.47
C VAL A 295 -22.42 -0.35 23.32
N GLU A 296 -23.25 -0.62 24.34
CA GLU A 296 -23.06 -1.82 25.17
C GLU A 296 -23.47 -3.01 24.32
N GLY A 297 -24.48 -2.81 23.49
CA GLY A 297 -24.94 -3.85 22.57
C GLY A 297 -23.77 -4.29 21.66
N LEU A 298 -22.97 -3.31 21.17
CA LEU A 298 -21.84 -3.63 20.31
C LEU A 298 -20.75 -4.38 21.09
N GLU A 299 -20.58 -4.02 22.37
CA GLU A 299 -19.62 -4.72 23.20
C GLU A 299 -19.97 -6.22 23.18
N TYR A 300 -21.23 -6.57 23.45
CA TYR A 300 -21.63 -7.98 23.43
C TYR A 300 -21.54 -8.60 22.04
N GLN A 301 -21.67 -7.81 20.99
CA GLN A 301 -21.49 -8.39 19.65
C GLN A 301 -20.01 -8.79 19.50
N MET A 302 -19.12 -7.96 20.01
CA MET A 302 -17.70 -8.29 19.91
C MET A 302 -17.35 -9.53 20.74
N SER A 303 -17.80 -9.60 21.98
CA SER A 303 -17.48 -10.78 22.80
C SER A 303 -18.23 -12.03 22.27
N GLY A 304 -19.47 -11.85 21.78
CA GLY A 304 -20.24 -12.96 21.25
C GLY A 304 -19.64 -13.51 19.97
N ASN A 305 -19.20 -12.59 19.11
CA ASN A 305 -18.58 -12.98 17.87
C ASN A 305 -17.30 -13.80 18.12
N GLU A 306 -16.58 -13.46 19.18
CA GLU A 306 -15.34 -14.17 19.48
C GLU A 306 -15.62 -15.61 19.87
N LEU A 307 -16.64 -15.80 20.71
CA LEU A 307 -17.01 -17.16 21.14
C LEU A 307 -17.53 -17.94 19.94
N TRP A 308 -18.39 -17.31 19.14
CA TRP A 308 -18.95 -17.92 17.95
C TRP A 308 -17.83 -18.38 17.03
N SER A 309 -16.89 -17.47 16.79
CA SER A 309 -15.76 -17.77 15.91
C SER A 309 -14.97 -18.99 16.36
N GLN A 310 -14.85 -19.12 17.66
CA GLN A 310 -14.10 -20.20 18.31
C GLN A 310 -14.82 -21.52 18.32
N THR A 311 -16.10 -21.54 17.95
CA THR A 311 -16.88 -22.77 18.05
C THR A 311 -17.77 -23.18 16.89
N THR A 312 -17.98 -22.29 15.94
CA THR A 312 -18.82 -22.62 14.80
C THR A 312 -18.16 -23.63 13.84
N LEU A 313 -18.97 -24.54 13.30
CA LEU A 313 -18.47 -25.53 12.37
C LEU A 313 -18.25 -24.87 11.03
N ARG A 314 -18.72 -23.63 10.87
CA ARG A 314 -18.50 -22.94 9.62
C ARG A 314 -17.00 -22.83 9.29
N TYR A 315 -16.17 -22.80 10.32
CA TYR A 315 -14.73 -22.64 10.13
C TYR A 315 -13.95 -23.93 10.34
N SER A 316 -14.67 -25.00 10.65
CA SER A 316 -14.08 -26.30 10.93
C SER A 316 -13.37 -26.99 9.78
N VAL A 317 -12.34 -27.75 10.15
CA VAL A 317 -11.52 -28.55 9.26
C VAL A 317 -11.21 -27.94 7.92
N SER B 13 -2.07 -6.71 -31.20
CA SER B 13 -0.70 -6.23 -31.55
C SER B 13 -0.36 -4.94 -30.78
N LEU B 14 0.52 -5.05 -29.79
CA LEU B 14 0.92 -3.91 -28.99
C LEU B 14 1.81 -3.02 -29.83
N GLU B 15 1.35 -1.81 -30.13
CA GLU B 15 2.20 -0.93 -30.91
C GLU B 15 2.86 0.06 -29.95
N PRO B 16 4.20 -0.01 -29.82
CA PRO B 16 4.91 0.89 -28.91
C PRO B 16 4.68 2.36 -29.27
N PRO B 17 4.57 3.23 -28.26
CA PRO B 17 4.35 4.65 -28.53
C PRO B 17 5.65 5.26 -29.05
N PRO B 18 5.60 6.44 -29.67
CA PRO B 18 6.81 7.07 -30.21
C PRO B 18 7.91 7.24 -29.16
N SER B 19 9.16 7.09 -29.60
CA SER B 19 10.31 7.26 -28.72
C SER B 19 11.38 8.06 -29.45
N THR B 20 12.17 8.81 -28.70
CA THR B 20 13.24 9.58 -29.29
C THR B 20 14.54 8.76 -29.19
N PHE B 21 14.42 7.55 -28.63
CA PHE B 21 15.57 6.63 -28.49
C PHE B 21 15.49 5.59 -29.63
N GLN B 22 16.61 4.98 -29.95
CA GLN B 22 16.58 3.95 -30.98
C GLN B 22 17.64 2.90 -30.69
N PRO B 23 17.33 1.64 -31.03
CA PRO B 23 18.28 0.57 -30.78
C PRO B 23 19.48 0.64 -31.72
N LEU B 24 20.62 0.17 -31.23
CA LEU B 24 21.87 0.15 -31.98
C LEU B 24 22.65 -1.10 -31.59
N CYS B 25 23.31 -1.70 -32.56
CA CYS B 25 24.12 -2.89 -32.30
C CYS B 25 25.59 -2.56 -32.50
N HIS B 26 26.45 -3.19 -31.71
CA HIS B 26 27.89 -2.95 -31.81
C HIS B 26 28.35 -3.24 -33.24
N PRO B 27 29.25 -2.41 -33.77
CA PRO B 27 29.77 -2.57 -35.14
C PRO B 27 30.41 -3.92 -35.45
N LEU B 28 31.01 -4.55 -34.43
CA LEU B 28 31.69 -5.82 -34.63
C LEU B 28 30.90 -7.06 -34.24
N VAL B 29 29.57 -6.94 -34.20
CA VAL B 29 28.76 -8.08 -33.79
C VAL B 29 29.01 -9.37 -34.56
N GLU B 30 29.07 -9.30 -35.89
CA GLU B 30 29.29 -10.49 -36.68
C GLU B 30 30.62 -11.16 -36.32
N GLU B 31 31.68 -10.36 -36.19
CA GLU B 31 32.99 -10.88 -35.82
C GLU B 31 32.99 -11.49 -34.41
N VAL B 32 32.79 -10.65 -33.41
CA VAL B 32 32.78 -11.10 -32.02
C VAL B 32 31.86 -12.29 -31.80
N SER B 33 30.64 -12.23 -32.32
CA SER B 33 29.69 -13.33 -32.16
C SER B 33 30.22 -14.66 -32.71
N LYS B 34 30.82 -14.63 -33.90
CA LYS B 34 31.39 -15.83 -34.52
C LYS B 34 32.40 -16.47 -33.57
N GLU B 35 33.32 -15.63 -33.12
CA GLU B 35 34.38 -16.00 -32.22
C GLU B 35 33.88 -16.56 -30.89
N VAL B 36 33.15 -15.74 -30.14
CA VAL B 36 32.64 -16.16 -28.82
C VAL B 36 31.79 -17.40 -28.92
N ASP B 37 30.88 -17.43 -29.89
CA ASP B 37 30.06 -18.61 -30.10
C ASP B 37 31.02 -19.79 -30.30
N GLY B 38 32.02 -19.57 -31.16
CA GLY B 38 33.00 -20.59 -31.45
C GLY B 38 33.61 -21.17 -30.19
N TYR B 39 34.15 -20.29 -29.35
CA TYR B 39 34.77 -20.70 -28.09
C TYR B 39 33.88 -21.61 -27.26
N PHE B 40 32.68 -21.14 -26.94
CA PHE B 40 31.77 -21.95 -26.14
C PHE B 40 31.40 -23.29 -26.78
N LEU B 41 31.23 -23.31 -28.11
CA LEU B 41 30.89 -24.56 -28.79
C LEU B 41 32.06 -25.56 -28.67
N GLN B 42 33.27 -25.04 -28.54
CA GLN B 42 34.46 -25.88 -28.40
C GLN B 42 34.81 -26.23 -26.94
N HIS B 43 34.17 -25.58 -25.97
CA HIS B 43 34.50 -25.86 -24.57
C HIS B 43 33.36 -26.25 -23.63
N TRP B 44 32.14 -25.78 -23.91
CA TRP B 44 30.97 -26.07 -23.08
C TRP B 44 30.34 -27.43 -23.36
N ASN B 45 29.99 -28.16 -22.30
CA ASN B 45 29.38 -29.47 -22.44
C ASN B 45 27.90 -29.42 -22.78
N PHE B 46 27.57 -29.10 -24.04
CA PHE B 46 26.17 -29.09 -24.41
C PHE B 46 25.63 -30.50 -24.52
N PRO B 47 24.39 -30.76 -24.09
CA PRO B 47 23.90 -32.09 -24.28
C PRO B 47 23.76 -32.39 -25.76
N ASN B 48 22.58 -32.79 -26.17
CA ASN B 48 22.32 -33.14 -27.57
C ASN B 48 22.62 -32.02 -28.58
N GLU B 49 22.51 -32.35 -29.86
CA GLU B 49 22.77 -31.40 -30.96
C GLU B 49 21.71 -30.29 -30.93
N LYS B 50 20.48 -30.68 -30.62
CA LYS B 50 19.37 -29.78 -30.52
C LYS B 50 19.75 -28.56 -29.69
N ALA B 51 20.55 -28.83 -28.67
CA ALA B 51 21.05 -27.80 -27.75
C ALA B 51 22.10 -26.89 -28.39
N ARG B 52 23.03 -27.48 -29.14
CA ARG B 52 24.08 -26.72 -29.81
C ARG B 52 23.48 -25.69 -30.77
N LYS B 53 22.38 -26.05 -31.43
CA LYS B 53 21.72 -25.14 -32.35
C LYS B 53 20.90 -24.10 -31.60
N LYS B 54 20.29 -24.53 -30.50
CA LYS B 54 19.52 -23.64 -29.64
C LYS B 54 20.43 -22.51 -29.21
N PHE B 55 21.64 -22.90 -28.84
CA PHE B 55 22.66 -21.95 -28.39
C PHE B 55 22.95 -20.95 -29.50
N VAL B 56 23.25 -21.44 -30.70
CA VAL B 56 23.56 -20.51 -31.77
C VAL B 56 22.36 -19.64 -32.09
N ALA B 57 21.17 -20.23 -32.10
CA ALA B 57 19.98 -19.45 -32.38
C ALA B 57 19.82 -18.32 -31.34
N ALA B 58 20.29 -18.56 -30.12
CA ALA B 58 20.19 -17.60 -29.03
C ALA B 58 20.97 -16.32 -29.29
N GLY B 59 22.16 -16.48 -29.86
CA GLY B 59 23.02 -15.35 -30.17
C GLY B 59 23.29 -14.48 -28.95
N PHE B 60 23.88 -15.05 -27.90
CA PHE B 60 24.17 -14.29 -26.69
C PHE B 60 25.10 -13.11 -26.91
N SER B 61 26.07 -13.25 -27.82
CA SER B 61 26.99 -12.16 -28.13
C SER B 61 26.23 -11.05 -28.86
N ARG B 62 25.21 -11.44 -29.62
CA ARG B 62 24.40 -10.46 -30.36
C ARG B 62 23.54 -9.67 -29.36
N VAL B 63 23.07 -10.34 -28.32
CA VAL B 63 22.31 -9.67 -27.27
C VAL B 63 23.23 -8.64 -26.63
N THR B 64 24.41 -9.09 -26.25
CA THR B 64 25.42 -8.27 -25.61
C THR B 64 25.77 -7.04 -26.43
N CYS B 65 25.82 -7.19 -27.76
CA CYS B 65 26.17 -6.09 -28.64
C CYS B 65 25.02 -5.12 -28.83
N LEU B 66 23.81 -5.59 -28.56
CA LEU B 66 22.62 -4.75 -28.65
C LEU B 66 22.54 -3.93 -27.34
N TYR B 67 23.12 -4.42 -26.25
CA TYR B 67 23.07 -3.70 -24.98
C TYR B 67 24.22 -2.74 -24.80
N PHE B 68 25.38 -3.11 -25.34
CA PHE B 68 26.59 -2.30 -25.22
C PHE B 68 27.12 -1.94 -26.62
N PRO B 69 26.30 -1.28 -27.44
CA PRO B 69 26.81 -0.96 -28.78
C PRO B 69 27.96 0.04 -28.82
N LYS B 70 28.22 0.69 -27.69
CA LYS B 70 29.28 1.68 -27.63
C LYS B 70 30.50 1.18 -26.89
N ALA B 71 30.60 -0.13 -26.70
CA ALA B 71 31.75 -0.71 -26.01
C ALA B 71 32.98 -0.63 -26.91
N LEU B 72 34.15 -0.53 -26.29
CA LEU B 72 35.40 -0.49 -27.03
C LEU B 72 35.53 -1.79 -27.84
N ASP B 73 36.06 -1.68 -29.06
CA ASP B 73 36.24 -2.83 -29.95
C ASP B 73 37.04 -3.98 -29.36
N ASP B 74 38.02 -3.69 -28.53
CA ASP B 74 38.80 -4.76 -27.96
C ASP B 74 38.36 -5.14 -26.54
N ARG B 75 37.11 -4.88 -26.19
CA ARG B 75 36.60 -5.25 -24.87
C ARG B 75 35.23 -5.88 -24.97
N ILE B 76 34.52 -5.62 -26.06
CA ILE B 76 33.18 -6.15 -26.24
C ILE B 76 33.15 -7.68 -26.13
N HIS B 77 34.21 -8.36 -26.56
CA HIS B 77 34.20 -9.83 -26.46
C HIS B 77 34.22 -10.30 -25.00
N PHE B 78 34.83 -9.52 -24.12
CA PHE B 78 34.87 -9.87 -22.68
C PHE B 78 33.45 -9.82 -22.14
N ALA B 79 32.70 -8.83 -22.60
CA ALA B 79 31.33 -8.65 -22.17
C ALA B 79 30.46 -9.79 -22.68
N CYS B 80 30.69 -10.17 -23.95
CA CYS B 80 29.95 -11.24 -24.57
C CYS B 80 30.24 -12.59 -23.90
N ARG B 81 31.49 -12.82 -23.52
CA ARG B 81 31.86 -14.08 -22.87
C ARG B 81 31.21 -14.16 -21.49
N LEU B 82 31.28 -13.05 -20.78
CA LEU B 82 30.72 -13.00 -19.44
C LEU B 82 29.21 -13.21 -19.47
N LEU B 83 28.46 -12.44 -20.26
CA LEU B 83 27.00 -12.66 -20.30
C LEU B 83 26.69 -14.04 -20.87
N THR B 84 27.47 -14.46 -21.87
CA THR B 84 27.22 -15.80 -22.40
C THR B 84 27.25 -16.90 -21.32
N VAL B 85 28.35 -16.99 -20.54
CA VAL B 85 28.44 -18.02 -19.50
C VAL B 85 27.36 -17.81 -18.42
N LEU B 86 27.06 -16.55 -18.06
CA LEU B 86 26.03 -16.31 -17.05
C LEU B 86 24.67 -16.76 -17.58
N PHE B 87 24.37 -16.54 -18.87
CA PHE B 87 23.10 -17.02 -19.44
C PHE B 87 23.05 -18.55 -19.39
N LEU B 88 24.18 -19.18 -19.70
CA LEU B 88 24.27 -20.65 -19.69
C LEU B 88 24.03 -21.16 -18.28
N ILE B 89 24.68 -20.54 -17.31
CA ILE B 89 24.52 -20.96 -15.93
C ILE B 89 23.07 -20.74 -15.49
N ASP B 90 22.50 -19.60 -15.88
CA ASP B 90 21.12 -19.30 -15.52
C ASP B 90 20.20 -20.43 -15.96
N ASP B 91 20.41 -20.96 -17.16
CA ASP B 91 19.59 -22.06 -17.66
C ASP B 91 19.81 -23.34 -16.82
N LEU B 92 21.05 -23.66 -16.50
CA LEU B 92 21.32 -24.85 -15.68
C LEU B 92 20.65 -24.78 -14.33
N LEU B 93 20.73 -23.60 -13.70
CA LEU B 93 20.17 -23.41 -12.37
C LEU B 93 18.71 -23.76 -12.28
N GLU B 94 17.97 -23.48 -13.35
CA GLU B 94 16.55 -23.77 -13.36
C GLU B 94 16.27 -25.23 -13.03
N TYR B 95 17.20 -26.11 -13.39
CA TYR B 95 17.02 -27.54 -13.13
C TYR B 95 17.64 -28.06 -11.85
N MET B 96 18.14 -27.16 -11.00
CA MET B 96 18.69 -27.59 -9.74
C MET B 96 18.05 -26.87 -8.56
N SER B 97 18.05 -27.52 -7.40
CA SER B 97 17.45 -26.97 -6.20
C SER B 97 18.21 -25.72 -5.76
N PHE B 98 17.55 -24.90 -4.95
CA PHE B 98 18.17 -23.67 -4.45
C PHE B 98 19.50 -23.98 -3.78
N GLU B 99 19.54 -25.08 -3.03
CA GLU B 99 20.74 -25.49 -2.31
C GLU B 99 21.90 -25.82 -3.25
N GLU B 100 21.64 -26.65 -4.26
CA GLU B 100 22.69 -27.03 -5.18
C GLU B 100 23.06 -25.85 -6.07
N GLY B 101 22.08 -25.07 -6.47
CA GLY B 101 22.35 -23.90 -7.29
C GLY B 101 23.23 -22.91 -6.54
N SER B 102 22.87 -22.63 -5.29
CA SER B 102 23.66 -21.72 -4.49
C SER B 102 25.08 -22.27 -4.37
N ALA B 103 25.18 -23.57 -4.11
CA ALA B 103 26.48 -24.22 -3.97
C ALA B 103 27.27 -24.12 -5.27
N TYR B 104 26.58 -24.36 -6.38
CA TYR B 104 27.19 -24.28 -7.71
C TYR B 104 27.81 -22.91 -7.95
N ASN B 105 27.05 -21.84 -7.73
CA ASN B 105 27.62 -20.52 -7.94
C ASN B 105 28.66 -20.11 -6.88
N GLU B 106 28.51 -20.54 -5.62
CA GLU B 106 29.50 -20.15 -4.62
C GLU B 106 30.87 -20.74 -4.93
N LYS B 107 30.90 -21.92 -5.53
CA LYS B 107 32.16 -22.57 -5.91
C LYS B 107 32.90 -21.79 -7.01
N LEU B 108 32.16 -21.12 -7.88
CA LEU B 108 32.76 -20.34 -8.98
C LEU B 108 33.24 -18.96 -8.54
N ILE B 109 32.79 -18.49 -7.38
CA ILE B 109 33.21 -17.17 -6.96
C ILE B 109 34.71 -17.05 -6.66
N PRO B 110 35.28 -17.97 -5.86
CA PRO B 110 36.71 -17.89 -5.56
C PRO B 110 37.51 -18.08 -6.86
N ILE B 111 36.99 -18.92 -7.73
CA ILE B 111 37.61 -19.20 -9.00
C ILE B 111 37.63 -17.93 -9.86
N SER B 112 36.51 -17.21 -9.88
CA SER B 112 36.40 -15.94 -10.60
C SER B 112 37.47 -14.97 -10.11
N ARG B 113 37.71 -14.97 -8.79
CA ARG B 113 38.72 -14.08 -8.21
C ARG B 113 40.16 -14.51 -8.53
N GLY B 114 40.35 -15.76 -8.92
CA GLY B 114 41.68 -16.25 -9.20
C GLY B 114 42.33 -16.74 -7.92
N ASP B 115 41.52 -16.91 -6.87
CA ASP B 115 42.03 -17.37 -5.58
C ASP B 115 42.09 -18.88 -5.52
N VAL B 116 41.27 -19.53 -6.34
CA VAL B 116 41.19 -20.97 -6.40
C VAL B 116 41.39 -21.40 -7.85
N LEU B 117 42.28 -22.37 -8.07
CA LEU B 117 42.53 -22.90 -9.42
C LEU B 117 41.37 -23.77 -9.84
N PRO B 118 40.98 -23.71 -11.13
CA PRO B 118 39.87 -24.53 -11.60
C PRO B 118 40.23 -25.99 -11.76
N ASP B 119 39.22 -26.82 -11.84
CA ASP B 119 39.42 -28.21 -12.12
C ASP B 119 39.28 -28.26 -13.62
N ARG B 120 40.44 -28.18 -14.28
CA ARG B 120 40.51 -28.15 -15.74
C ARG B 120 39.67 -29.20 -16.49
N SER B 121 39.13 -30.17 -15.78
CA SER B 121 38.31 -31.20 -16.43
C SER B 121 36.84 -30.81 -16.42
N ILE B 122 36.52 -29.68 -15.79
CA ILE B 122 35.15 -29.17 -15.69
C ILE B 122 35.07 -27.84 -16.44
N PRO B 123 34.44 -27.84 -17.62
CA PRO B 123 34.32 -26.62 -18.43
C PRO B 123 33.94 -25.33 -17.68
N VAL B 124 32.81 -25.31 -16.98
CA VAL B 124 32.43 -24.08 -16.30
C VAL B 124 33.56 -23.53 -15.44
N GLU B 125 34.31 -24.40 -14.78
CA GLU B 125 35.37 -23.90 -13.94
C GLU B 125 36.50 -23.23 -14.69
N TYR B 126 37.01 -23.86 -15.74
CA TYR B 126 38.12 -23.21 -16.43
C TYR B 126 37.72 -22.07 -17.35
N ILE B 127 36.48 -22.09 -17.83
CA ILE B 127 35.97 -21.00 -18.67
C ILE B 127 35.90 -19.75 -17.76
N ILE B 128 35.30 -19.91 -16.58
CA ILE B 128 35.21 -18.80 -15.63
C ILE B 128 36.59 -18.32 -15.20
N TYR B 129 37.48 -19.25 -14.85
CA TYR B 129 38.82 -18.88 -14.39
C TYR B 129 39.59 -18.14 -15.47
N ASP B 130 39.61 -18.70 -16.67
CA ASP B 130 40.34 -18.10 -17.77
C ASP B 130 39.76 -16.76 -18.20
N LEU B 131 38.44 -16.63 -18.12
CA LEU B 131 37.75 -15.39 -18.53
C LEU B 131 38.21 -14.26 -17.63
N TRP B 132 38.19 -14.48 -16.32
CA TRP B 132 38.60 -13.46 -15.36
C TRP B 132 40.12 -13.19 -15.39
N GLU B 133 40.91 -14.22 -15.69
CA GLU B 133 42.35 -14.02 -15.79
C GLU B 133 42.56 -13.06 -16.96
N SER B 134 41.88 -13.34 -18.07
CA SER B 134 41.96 -12.51 -19.28
C SER B 134 41.58 -11.06 -19.00
N MET B 135 40.44 -10.87 -18.37
CA MET B 135 39.98 -9.52 -18.09
C MET B 135 40.98 -8.77 -17.22
N ARG B 136 41.47 -9.46 -16.20
CA ARG B 136 42.43 -8.93 -15.25
C ARG B 136 43.76 -8.54 -15.91
N ALA B 137 44.06 -9.17 -17.04
CA ALA B 137 45.30 -8.90 -17.76
C ALA B 137 45.10 -7.71 -18.71
N HIS B 138 43.86 -7.48 -19.10
CA HIS B 138 43.57 -6.38 -20.01
C HIS B 138 43.47 -5.10 -19.22
N ASP B 139 42.78 -5.16 -18.08
CA ASP B 139 42.61 -4.00 -17.22
C ASP B 139 42.36 -4.44 -15.77
N ARG B 140 43.43 -4.69 -15.04
CA ARG B 140 43.30 -5.14 -13.66
C ARG B 140 42.38 -4.31 -12.78
N GLU B 141 42.62 -3.01 -12.75
CA GLU B 141 41.83 -2.11 -11.91
C GLU B 141 40.35 -2.22 -12.25
N MET B 142 40.00 -2.12 -13.53
CA MET B 142 38.60 -2.19 -13.90
C MET B 142 38.03 -3.60 -13.77
N ALA B 143 38.87 -4.62 -13.96
CA ALA B 143 38.37 -5.98 -13.85
C ALA B 143 37.96 -6.27 -12.41
N ASP B 144 38.78 -5.78 -11.49
CA ASP B 144 38.50 -6.00 -10.08
C ASP B 144 37.28 -5.22 -9.61
N GLU B 145 36.97 -4.10 -10.26
CA GLU B 145 35.80 -3.31 -9.86
C GLU B 145 34.48 -4.03 -10.18
N ILE B 146 34.45 -4.84 -11.23
CA ILE B 146 33.22 -5.56 -11.59
C ILE B 146 33.04 -6.88 -10.87
N LEU B 147 34.01 -7.25 -10.04
CA LEU B 147 33.89 -8.48 -9.28
C LEU B 147 32.65 -8.49 -8.38
N GLU B 148 32.47 -7.45 -7.57
CA GLU B 148 31.34 -7.46 -6.64
C GLU B 148 29.97 -7.46 -7.32
N PRO B 149 29.77 -6.62 -8.36
CA PRO B 149 28.48 -6.59 -9.08
C PRO B 149 28.15 -7.95 -9.68
N VAL B 150 29.16 -8.68 -10.12
CA VAL B 150 28.94 -10.00 -10.70
C VAL B 150 28.55 -11.00 -9.62
N PHE B 151 29.25 -10.97 -8.48
CA PHE B 151 28.98 -11.90 -7.38
C PHE B 151 27.60 -11.60 -6.78
N LEU B 152 27.24 -10.32 -6.73
CA LEU B 152 25.92 -9.89 -6.23
C LEU B 152 24.87 -10.55 -7.07
N PHE B 153 25.00 -10.45 -8.38
CA PHE B 153 24.09 -11.09 -9.31
C PHE B 153 24.08 -12.61 -9.17
N MET B 154 25.26 -13.23 -9.13
CA MET B 154 25.34 -14.67 -9.04
C MET B 154 24.62 -15.18 -7.80
N ARG B 155 24.77 -14.48 -6.70
CA ARG B 155 24.10 -14.90 -5.47
C ARG B 155 22.56 -14.68 -5.57
N ALA B 156 22.15 -13.60 -6.24
CA ALA B 156 20.72 -13.34 -6.41
C ALA B 156 20.06 -14.37 -7.33
N GLN B 157 20.87 -15.03 -8.16
CA GLN B 157 20.32 -16.04 -9.09
C GLN B 157 19.60 -17.18 -8.37
N THR B 158 19.86 -17.36 -7.08
CA THR B 158 19.18 -18.41 -6.32
C THR B 158 18.32 -17.82 -5.21
N ASP B 159 18.25 -16.49 -5.12
CA ASP B 159 17.44 -15.82 -4.10
C ASP B 159 15.96 -16.21 -4.22
N ARG B 160 15.34 -16.38 -3.05
CA ARG B 160 13.93 -16.73 -2.99
C ARG B 160 13.11 -15.50 -2.58
N THR B 161 12.47 -14.90 -3.57
CA THR B 161 11.65 -13.70 -3.38
C THR B 161 10.39 -13.97 -2.57
N ARG B 162 10.04 -13.00 -1.74
CA ARG B 162 8.90 -13.10 -0.84
C ARG B 162 7.62 -12.45 -1.35
N ALA B 163 6.54 -13.20 -1.27
CA ALA B 163 5.23 -12.72 -1.68
C ALA B 163 4.74 -11.73 -0.62
N ARG B 164 4.45 -10.50 -1.04
CA ARG B 164 3.95 -9.47 -0.12
C ARG B 164 3.16 -8.42 -0.89
N PRO B 165 2.19 -7.78 -0.22
CA PRO B 165 1.38 -6.74 -0.89
C PRO B 165 2.36 -5.75 -1.49
N MET B 166 2.23 -5.50 -2.78
CA MET B 166 3.14 -4.61 -3.48
C MET B 166 2.32 -3.74 -4.45
N GLY B 167 2.31 -2.43 -4.22
CA GLY B 167 1.60 -1.53 -5.10
C GLY B 167 2.61 -1.09 -6.15
N LEU B 168 2.20 -0.25 -7.08
CA LEU B 168 3.09 0.23 -8.14
C LEU B 168 4.34 0.91 -7.57
N GLY B 169 4.16 1.87 -6.66
CA GLY B 169 5.31 2.56 -6.10
C GLY B 169 6.35 1.63 -5.48
N GLY B 170 5.87 0.73 -4.65
CA GLY B 170 6.76 -0.23 -4.02
C GLY B 170 7.48 -1.15 -5.03
N TYR B 171 6.76 -1.60 -6.05
CA TYR B 171 7.36 -2.47 -7.07
C TYR B 171 8.44 -1.71 -7.83
N LEU B 172 8.14 -0.47 -8.21
CA LEU B 172 9.13 0.30 -8.97
C LEU B 172 10.34 0.62 -8.17
N GLU B 173 10.17 0.86 -6.87
CA GLU B 173 11.29 1.17 -6.01
C GLU B 173 12.12 -0.08 -5.84
N TYR B 174 11.45 -1.24 -5.79
CA TYR B 174 12.20 -2.48 -5.68
C TYR B 174 13.08 -2.65 -6.96
N ARG B 175 12.47 -2.47 -8.14
CA ARG B 175 13.19 -2.62 -9.39
C ARG B 175 14.30 -1.61 -9.59
N GLU B 176 14.21 -0.45 -8.95
CA GLU B 176 15.30 0.51 -9.08
C GLU B 176 16.62 -0.07 -8.57
N ARG B 177 16.53 -1.08 -7.71
CA ARG B 177 17.75 -1.69 -7.15
C ARG B 177 18.09 -3.04 -7.78
N ASP B 178 17.41 -3.37 -8.88
CA ASP B 178 17.65 -4.65 -9.53
C ASP B 178 19.14 -4.96 -9.74
N VAL B 179 19.58 -6.12 -9.22
CA VAL B 179 20.97 -6.53 -9.34
C VAL B 179 21.38 -6.85 -10.77
N GLY B 180 20.43 -7.34 -11.57
CA GLY B 180 20.68 -7.63 -12.97
C GLY B 180 21.02 -6.35 -13.70
N LYS B 181 20.17 -5.33 -13.55
CA LYS B 181 20.41 -4.02 -14.16
C LYS B 181 21.70 -3.38 -13.67
N GLU B 182 22.00 -3.49 -12.38
CA GLU B 182 23.24 -2.92 -11.87
C GLU B 182 24.42 -3.61 -12.55
N LEU B 183 24.30 -4.91 -12.77
CA LEU B 183 25.37 -5.64 -13.42
C LEU B 183 25.56 -5.10 -14.84
N LEU B 184 24.46 -4.89 -15.57
CA LEU B 184 24.57 -4.38 -16.93
C LEU B 184 25.28 -3.04 -16.95
N ALA B 185 24.99 -2.18 -15.98
CA ALA B 185 25.64 -0.86 -15.92
C ALA B 185 27.12 -1.01 -15.60
N ALA B 186 27.46 -1.89 -14.64
CA ALA B 186 28.84 -2.09 -14.25
C ALA B 186 29.62 -2.71 -15.42
N LEU B 187 29.01 -3.70 -16.10
CA LEU B 187 29.70 -4.33 -17.21
C LEU B 187 29.81 -3.35 -18.39
N MET B 188 28.80 -2.50 -18.58
CA MET B 188 28.87 -1.52 -19.66
C MET B 188 30.07 -0.61 -19.43
N ARG B 189 30.28 -0.23 -18.17
CA ARG B 189 31.40 0.63 -17.77
C ARG B 189 32.72 -0.04 -18.06
N PHE B 190 32.81 -1.32 -17.73
CA PHE B 190 34.04 -2.07 -17.99
C PHE B 190 34.28 -2.13 -19.51
N SER B 191 33.24 -2.46 -20.25
CA SER B 191 33.29 -2.57 -21.71
C SER B 191 33.71 -1.28 -22.41
N MET B 192 33.33 -0.16 -21.81
CA MET B 192 33.61 1.17 -22.41
C MET B 192 34.84 1.86 -21.84
N GLY B 193 35.53 1.19 -20.92
CA GLY B 193 36.72 1.76 -20.31
C GLY B 193 36.46 3.03 -19.51
N LEU B 194 35.27 3.14 -18.92
CA LEU B 194 34.90 4.32 -18.16
C LEU B 194 35.20 4.18 -16.66
N LYS B 195 36.33 4.71 -16.20
CA LYS B 195 36.64 4.62 -14.77
C LYS B 195 35.96 5.78 -14.05
N LEU B 196 34.68 5.63 -13.75
CA LEU B 196 33.96 6.69 -13.06
C LEU B 196 34.36 6.73 -11.60
N SER B 197 34.58 7.92 -11.08
CA SER B 197 34.98 8.09 -9.68
C SER B 197 33.74 8.04 -8.78
N PRO B 198 33.95 7.93 -7.45
CA PRO B 198 32.85 7.88 -6.48
C PRO B 198 31.86 9.03 -6.65
N SER B 199 32.40 10.24 -6.83
CA SER B 199 31.60 11.42 -7.01
C SER B 199 30.84 11.43 -8.32
N GLU B 200 31.43 10.84 -9.36
CA GLU B 200 30.74 10.81 -10.63
C GLU B 200 29.54 9.89 -10.50
N LEU B 201 29.76 8.70 -9.95
CA LEU B 201 28.69 7.71 -9.76
C LEU B 201 27.58 8.27 -8.87
N GLN B 202 27.96 8.88 -7.76
CA GLN B 202 26.96 9.46 -6.85
C GLN B 202 26.08 10.46 -7.61
N ARG B 203 26.71 11.19 -8.53
CA ARG B 203 26.05 12.20 -9.34
C ARG B 203 24.97 11.71 -10.30
N VAL B 204 25.02 10.43 -10.67
CA VAL B 204 24.02 9.88 -11.59
C VAL B 204 23.16 8.80 -10.93
N ARG B 205 23.09 8.82 -9.60
CA ARG B 205 22.29 7.83 -8.90
C ARG B 205 20.84 7.91 -9.37
N GLU B 206 20.29 9.12 -9.54
CA GLU B 206 18.90 9.26 -9.99
C GLU B 206 18.75 8.72 -11.43
N ILE B 207 19.71 9.07 -12.28
CA ILE B 207 19.68 8.62 -13.67
C ILE B 207 19.71 7.08 -13.68
N ASP B 208 20.57 6.53 -12.84
CA ASP B 208 20.71 5.08 -12.71
C ASP B 208 19.42 4.38 -12.31
N ALA B 209 18.74 4.91 -11.29
CA ALA B 209 17.47 4.36 -10.82
C ALA B 209 16.39 4.49 -11.89
N ASN B 210 16.35 5.64 -12.55
CA ASN B 210 15.36 5.88 -13.59
C ASN B 210 15.52 4.83 -14.71
N CYS B 211 16.76 4.64 -15.15
CA CYS B 211 17.03 3.69 -16.22
C CYS B 211 16.64 2.29 -15.77
N SER B 212 17.00 1.95 -14.53
CA SER B 212 16.71 0.63 -13.99
C SER B 212 15.22 0.29 -14.09
N LYS B 213 14.37 1.27 -13.79
CA LYS B 213 12.94 1.07 -13.86
C LYS B 213 12.50 0.83 -15.30
N HIS B 214 12.97 1.68 -16.20
CA HIS B 214 12.61 1.56 -17.61
C HIS B 214 12.87 0.15 -18.16
N LEU B 215 14.10 -0.36 -17.92
CA LEU B 215 14.56 -1.68 -18.37
C LEU B 215 13.60 -2.75 -17.81
N SER B 216 13.29 -2.67 -16.53
CA SER B 216 12.45 -3.68 -15.88
C SER B 216 11.00 -3.67 -16.36
N VAL B 217 10.43 -2.48 -16.55
CA VAL B 217 9.06 -2.42 -16.96
C VAL B 217 8.94 -2.87 -18.43
N VAL B 218 9.90 -2.51 -19.24
CA VAL B 218 9.86 -2.95 -20.64
C VAL B 218 9.90 -4.49 -20.64
N ASN B 219 10.72 -5.10 -19.78
CA ASN B 219 10.80 -6.57 -19.69
C ASN B 219 9.44 -7.11 -19.27
N ASP B 220 8.84 -6.51 -18.24
CA ASP B 220 7.52 -6.93 -17.74
C ASP B 220 6.46 -6.95 -18.87
N ILE B 221 6.42 -5.87 -19.65
CA ILE B 221 5.45 -5.74 -20.73
C ILE B 221 5.52 -6.89 -21.70
N TYR B 222 6.73 -7.30 -22.08
CA TYR B 222 6.88 -8.40 -23.04
C TYR B 222 6.92 -9.81 -22.45
N SER B 223 7.20 -9.93 -21.16
CA SER B 223 7.29 -11.25 -20.51
C SER B 223 6.00 -11.69 -19.84
N TYR B 224 5.02 -10.78 -19.76
CA TYR B 224 3.77 -11.11 -19.09
C TYR B 224 3.05 -12.35 -19.60
N GLU B 225 2.94 -12.49 -20.92
CA GLU B 225 2.26 -13.64 -21.49
C GLU B 225 2.92 -14.91 -20.99
N LYS B 226 4.25 -14.95 -21.03
CA LYS B 226 4.96 -16.13 -20.56
C LYS B 226 4.87 -16.33 -19.06
N GLU B 227 4.93 -15.26 -18.29
CA GLU B 227 4.82 -15.40 -16.83
C GLU B 227 3.43 -15.85 -16.45
N LEU B 228 2.45 -15.51 -17.26
CA LEU B 228 1.05 -15.91 -17.03
C LEU B 228 0.67 -17.41 -17.26
N TYR B 229 1.61 -18.28 -17.56
CA TYR B 229 1.33 -19.71 -17.69
C TYR B 229 0.94 -20.28 -16.33
N THR B 230 -0.32 -20.32 -15.96
CA THR B 230 -0.57 -20.84 -14.61
C THR B 230 -0.37 -19.75 -13.58
N ILE B 240 1.70 -16.48 -6.89
CA ILE B 240 2.83 -15.72 -7.42
C ILE B 240 2.63 -15.21 -8.88
N LEU B 241 3.23 -14.01 -9.21
CA LEU B 241 3.27 -13.35 -10.56
C LEU B 241 4.25 -12.13 -10.53
N CYS B 242 4.19 -11.26 -9.53
CA CYS B 242 5.10 -10.06 -9.33
C CYS B 242 5.64 -9.33 -10.60
N THR B 243 4.78 -8.50 -11.14
CA THR B 243 5.13 -7.71 -12.33
C THR B 243 4.28 -6.45 -12.39
N SER B 244 4.83 -5.37 -12.95
CA SER B 244 4.11 -4.12 -13.09
C SER B 244 2.82 -4.24 -13.92
N VAL B 245 2.79 -5.19 -14.85
CA VAL B 245 1.62 -5.35 -15.69
C VAL B 245 0.43 -5.81 -14.85
N GLN B 246 0.63 -6.83 -14.00
CA GLN B 246 -0.44 -7.27 -13.14
C GLN B 246 -0.79 -6.25 -12.06
N ILE B 247 0.23 -5.67 -11.43
CA ILE B 247 -0.01 -4.67 -10.38
C ILE B 247 -0.82 -3.50 -10.94
N LEU B 248 -0.43 -2.93 -12.08
CA LEU B 248 -1.20 -1.80 -12.63
C LEU B 248 -2.62 -2.21 -13.09
N ALA B 249 -2.75 -3.38 -13.71
CA ALA B 249 -4.07 -3.87 -14.15
C ALA B 249 -5.01 -3.98 -12.96
N GLN B 250 -4.52 -4.47 -11.83
CA GLN B 250 -5.36 -4.61 -10.64
C GLN B 250 -5.59 -3.26 -9.96
N GLU B 251 -4.58 -2.41 -9.89
CA GLU B 251 -4.78 -1.13 -9.24
C GLU B 251 -5.72 -0.20 -10.00
N ALA B 252 -5.66 -0.24 -11.34
CA ALA B 252 -6.51 0.61 -12.17
C ALA B 252 -7.77 -0.12 -12.66
N ASP B 253 -7.80 -1.43 -12.44
CA ASP B 253 -8.90 -2.30 -12.86
C ASP B 253 -9.11 -2.23 -14.37
N VAL B 254 -8.06 -2.57 -15.10
CA VAL B 254 -8.14 -2.62 -16.55
C VAL B 254 -7.51 -3.95 -16.91
N THR B 255 -7.63 -4.34 -18.16
CA THR B 255 -7.04 -5.60 -18.60
C THR B 255 -5.52 -5.49 -18.63
N ALA B 256 -4.85 -6.64 -18.66
CA ALA B 256 -3.40 -6.64 -18.74
C ALA B 256 -2.92 -5.90 -20.01
N GLU B 257 -3.66 -6.03 -21.11
CA GLU B 257 -3.25 -5.35 -22.34
C GLU B 257 -3.33 -3.83 -22.16
N ALA B 258 -4.38 -3.37 -21.48
CA ALA B 258 -4.57 -1.94 -21.19
C ALA B 258 -3.40 -1.47 -20.32
N ALA B 259 -3.07 -2.27 -19.30
CA ALA B 259 -1.97 -1.92 -18.40
C ALA B 259 -0.66 -1.79 -19.18
N LYS B 260 -0.45 -2.68 -20.15
CA LYS B 260 0.76 -2.63 -20.93
C LYS B 260 0.87 -1.31 -21.67
N ARG B 261 -0.23 -0.89 -22.30
CA ARG B 261 -0.20 0.38 -23.01
C ARG B 261 0.12 1.53 -22.07
N VAL B 262 -0.51 1.56 -20.90
CA VAL B 262 -0.23 2.65 -19.95
C VAL B 262 1.22 2.61 -19.48
N LEU B 263 1.73 1.43 -19.14
CA LEU B 263 3.13 1.36 -18.70
C LEU B 263 4.08 1.78 -19.81
N PHE B 264 3.71 1.53 -21.06
CA PHE B 264 4.59 1.92 -22.15
C PHE B 264 4.70 3.44 -22.20
N VAL B 265 3.60 4.14 -21.89
CA VAL B 265 3.63 5.60 -21.89
C VAL B 265 4.50 6.07 -20.73
N MET B 266 4.39 5.41 -19.59
CA MET B 266 5.21 5.72 -18.43
C MET B 266 6.67 5.60 -18.82
N CYS B 267 7.04 4.54 -19.57
CA CYS B 267 8.43 4.38 -19.98
C CYS B 267 8.91 5.56 -20.80
N ARG B 268 8.05 6.06 -21.68
CA ARG B 268 8.43 7.20 -22.50
C ARG B 268 8.65 8.40 -21.59
N GLU B 269 7.89 8.51 -20.49
CA GLU B 269 8.12 9.62 -19.58
C GLU B 269 9.48 9.41 -18.92
N TRP B 270 9.85 8.16 -18.63
CA TRP B 270 11.14 7.99 -18.02
C TRP B 270 12.26 8.31 -18.99
N GLU B 271 12.03 8.14 -20.29
CA GLU B 271 13.09 8.46 -21.26
C GLU B 271 13.24 9.98 -21.27
N LEU B 272 12.11 10.68 -21.17
CA LEU B 272 12.14 12.13 -21.12
C LEU B 272 12.85 12.58 -19.84
N ARG B 273 12.57 11.93 -18.70
CA ARG B 273 13.21 12.28 -17.43
C ARG B 273 14.72 12.09 -17.54
N HIS B 274 15.11 11.02 -18.24
CA HIS B 274 16.53 10.74 -18.46
C HIS B 274 17.17 11.96 -19.13
N GLN B 275 16.54 12.46 -20.19
CA GLN B 275 17.02 13.61 -20.91
C GLN B 275 17.09 14.85 -20.00
N LEU B 276 16.03 15.10 -19.24
CA LEU B 276 16.01 16.25 -18.35
C LEU B 276 17.11 16.17 -17.31
N LEU B 277 17.29 14.98 -16.72
CA LEU B 277 18.32 14.81 -15.69
C LEU B 277 19.72 15.03 -16.24
N VAL B 278 19.93 14.59 -17.48
CA VAL B 278 21.22 14.73 -18.14
C VAL B 278 21.43 16.21 -18.46
N ALA B 279 20.39 16.89 -18.91
CA ALA B 279 20.50 18.33 -19.20
C ALA B 279 20.89 19.08 -17.92
N ARG B 280 20.23 18.76 -16.82
CA ARG B 280 20.54 19.39 -15.53
C ARG B 280 21.97 19.14 -15.14
N LEU B 281 22.41 17.89 -15.26
CA LEU B 281 23.78 17.53 -14.91
C LEU B 281 24.74 18.45 -15.68
N SER B 282 24.50 18.57 -16.98
CA SER B 282 25.33 19.40 -17.84
C SER B 282 25.25 20.89 -17.44
N ALA B 283 24.05 21.37 -17.13
CA ALA B 283 23.86 22.77 -16.75
C ALA B 283 24.48 23.15 -15.41
N GLU B 284 24.76 22.17 -14.56
CA GLU B 284 25.36 22.44 -13.27
C GLU B 284 26.88 22.27 -13.38
N GLY B 285 27.36 22.04 -14.60
CA GLY B 285 28.78 21.87 -14.83
C GLY B 285 29.32 20.59 -14.22
N LEU B 286 28.45 19.62 -14.02
CA LEU B 286 28.84 18.35 -13.41
C LEU B 286 28.97 17.18 -14.37
N GLU B 287 28.87 17.43 -15.67
CA GLU B 287 28.95 16.34 -16.62
C GLU B 287 30.35 16.12 -17.21
N THR B 288 31.15 15.31 -16.54
CA THR B 288 32.49 15.00 -16.99
C THR B 288 32.43 14.27 -18.33
N PRO B 289 33.54 14.23 -19.06
CA PRO B 289 33.53 13.54 -20.36
C PRO B 289 33.10 12.09 -20.16
N GLY B 290 33.53 11.52 -19.03
CA GLY B 290 33.21 10.14 -18.70
C GLY B 290 31.73 9.92 -18.47
N LEU B 291 31.10 10.86 -17.78
CA LEU B 291 29.68 10.76 -17.51
C LEU B 291 28.88 10.93 -18.80
N ALA B 292 29.34 11.77 -19.73
CA ALA B 292 28.61 11.94 -20.98
C ALA B 292 28.46 10.61 -21.72
N ALA B 293 29.56 9.88 -21.79
CA ALA B 293 29.59 8.58 -22.47
C ALA B 293 28.71 7.57 -21.72
N TYR B 294 28.78 7.63 -20.40
CA TYR B 294 28.00 6.74 -19.55
C TYR B 294 26.51 6.94 -19.73
N VAL B 295 26.01 8.16 -19.56
CA VAL B 295 24.58 8.37 -19.70
C VAL B 295 24.11 8.03 -21.12
N GLU B 296 24.98 8.23 -22.11
CA GLU B 296 24.60 7.88 -23.47
C GLU B 296 24.51 6.36 -23.52
N GLY B 297 25.46 5.69 -22.89
CA GLY B 297 25.44 4.24 -22.84
C GLY B 297 24.14 3.73 -22.25
N LEU B 298 23.65 4.38 -21.20
CA LEU B 298 22.39 3.96 -20.60
C LEU B 298 21.22 4.14 -21.57
N GLU B 299 21.26 5.21 -22.37
CA GLU B 299 20.18 5.42 -23.34
C GLU B 299 20.07 4.19 -24.28
N TYR B 300 21.20 3.73 -24.78
CA TYR B 300 21.23 2.56 -25.66
C TYR B 300 20.88 1.25 -24.95
N GLN B 301 21.04 1.21 -23.63
CA GLN B 301 20.62 0.00 -22.89
C GLN B 301 19.09 0.01 -22.90
N MET B 302 18.51 1.19 -22.67
CA MET B 302 17.06 1.26 -22.68
C MET B 302 16.43 0.91 -24.04
N SER B 303 16.99 1.45 -25.11
CA SER B 303 16.47 1.16 -26.43
C SER B 303 16.83 -0.29 -26.87
N GLY B 304 18.01 -0.74 -26.52
CA GLY B 304 18.42 -2.09 -26.88
C GLY B 304 17.57 -3.12 -26.15
N ASN B 305 17.30 -2.85 -24.86
CA ASN B 305 16.50 -3.74 -24.02
C ASN B 305 15.09 -3.87 -24.58
N GLU B 306 14.57 -2.78 -25.14
CA GLU B 306 13.23 -2.80 -25.72
C GLU B 306 13.15 -3.72 -26.96
N LEU B 307 14.12 -3.60 -27.85
CA LEU B 307 14.15 -4.45 -29.04
C LEU B 307 14.37 -5.89 -28.63
N TRP B 308 15.27 -6.12 -27.66
CA TRP B 308 15.52 -7.48 -27.17
C TRP B 308 14.24 -8.08 -26.58
N SER B 309 13.56 -7.34 -25.71
CA SER B 309 12.33 -7.83 -25.10
C SER B 309 11.27 -8.21 -26.14
N GLN B 310 11.28 -7.50 -27.27
CA GLN B 310 10.33 -7.74 -28.35
C GLN B 310 10.65 -8.98 -29.19
N THR B 311 11.93 -9.33 -29.24
CA THR B 311 12.37 -10.45 -30.06
C THR B 311 12.85 -11.74 -29.38
N THR B 312 13.45 -11.64 -28.20
CA THR B 312 13.96 -12.85 -27.54
C THR B 312 13.00 -14.03 -27.39
N LEU B 313 13.50 -15.25 -27.57
CA LEU B 313 12.66 -16.44 -27.42
C LEU B 313 12.41 -16.71 -25.94
N ARG B 314 13.17 -16.03 -25.09
CA ARG B 314 13.05 -16.16 -23.63
C ARG B 314 11.64 -15.77 -23.13
N TYR B 315 11.00 -14.84 -23.81
CA TYR B 315 9.65 -14.43 -23.46
C TYR B 315 8.70 -15.10 -24.38
N SER B 316 9.02 -16.34 -24.57
CA SER B 316 8.24 -16.96 -25.58
C SER B 316 7.30 -18.07 -25.28
N VAL B 317 6.26 -17.85 -26.07
CA VAL B 317 5.14 -18.69 -26.25
C VAL B 317 4.04 -18.52 -25.21
N SER C 13 0.70 22.69 -23.54
CA SER C 13 0.10 22.72 -22.17
C SER C 13 -0.90 21.59 -21.99
N LEU C 14 -0.40 20.37 -21.95
CA LEU C 14 -1.24 19.20 -21.80
C LEU C 14 -2.15 19.03 -23.00
N GLU C 15 -1.81 18.07 -23.86
CA GLU C 15 -2.59 17.76 -25.06
C GLU C 15 -3.37 16.51 -24.73
N PRO C 16 -4.68 16.63 -24.49
CA PRO C 16 -5.47 15.44 -24.16
C PRO C 16 -5.36 14.43 -25.28
N PRO C 17 -5.08 13.17 -24.96
CA PRO C 17 -4.97 12.17 -26.03
C PRO C 17 -6.32 11.95 -26.72
N PRO C 18 -6.32 11.26 -27.88
CA PRO C 18 -7.58 10.99 -28.62
C PRO C 18 -8.70 10.31 -27.85
N SER C 19 -9.94 10.69 -28.13
CA SER C 19 -11.09 10.09 -27.47
C SER C 19 -12.28 9.87 -28.41
N THR C 20 -12.97 8.76 -28.26
CA THR C 20 -14.15 8.50 -29.08
C THR C 20 -15.43 9.02 -28.42
N PHE C 21 -15.28 9.60 -27.22
CA PHE C 21 -16.39 10.21 -26.49
C PHE C 21 -16.50 11.70 -26.89
N GLN C 22 -17.65 12.10 -27.43
CA GLN C 22 -17.88 13.49 -27.84
C GLN C 22 -18.96 14.06 -26.94
N PRO C 23 -18.64 15.17 -26.26
CA PRO C 23 -19.62 15.78 -25.36
C PRO C 23 -20.73 16.50 -26.12
N LEU C 24 -21.84 16.80 -25.44
CA LEU C 24 -22.94 17.54 -26.03
C LEU C 24 -23.44 18.51 -24.97
N CYS C 25 -24.14 19.54 -25.41
CA CYS C 25 -24.66 20.54 -24.50
C CYS C 25 -26.18 20.50 -24.67
N HIS C 26 -26.93 20.37 -23.58
CA HIS C 26 -28.41 20.34 -23.69
C HIS C 26 -28.85 21.58 -24.48
N PRO C 27 -29.68 21.39 -25.50
CA PRO C 27 -30.17 22.48 -26.34
C PRO C 27 -30.80 23.69 -25.66
N LEU C 28 -31.47 23.48 -24.52
CA LEU C 28 -32.13 24.58 -23.84
C LEU C 28 -31.25 25.33 -22.87
N VAL C 29 -29.95 25.08 -22.90
CA VAL C 29 -29.02 25.71 -21.96
C VAL C 29 -29.28 27.22 -21.73
N GLU C 30 -29.44 28.01 -22.80
CA GLU C 30 -29.64 29.44 -22.60
C GLU C 30 -31.02 29.74 -22.02
N GLU C 31 -32.01 28.94 -22.37
CA GLU C 31 -33.35 29.15 -21.86
C GLU C 31 -33.45 28.83 -20.35
N VAL C 32 -32.91 27.67 -19.95
CA VAL C 32 -32.94 27.29 -18.55
C VAL C 32 -32.03 28.23 -17.74
N SER C 33 -30.94 28.69 -18.34
CA SER C 33 -30.03 29.62 -17.64
C SER C 33 -30.81 30.88 -17.26
N LYS C 34 -31.56 31.41 -18.23
CA LYS C 34 -32.34 32.61 -18.00
C LYS C 34 -33.36 32.34 -16.89
N GLU C 35 -34.02 31.20 -16.95
CA GLU C 35 -35.01 30.83 -15.96
C GLU C 35 -34.43 30.65 -14.54
N VAL C 36 -33.44 29.77 -14.42
CA VAL C 36 -32.85 29.47 -13.13
C VAL C 36 -31.95 30.57 -12.57
N ASP C 37 -31.08 31.15 -13.39
CA ASP C 37 -30.24 32.26 -12.93
C ASP C 37 -31.14 33.40 -12.43
N GLY C 38 -32.16 33.74 -13.22
CA GLY C 38 -33.08 34.80 -12.85
C GLY C 38 -33.75 34.49 -11.52
N TYR C 39 -34.22 33.26 -11.34
CA TYR C 39 -34.85 32.86 -10.09
C TYR C 39 -33.92 33.09 -8.91
N PHE C 40 -32.65 32.68 -9.05
CA PHE C 40 -31.68 32.85 -7.96
C PHE C 40 -31.30 34.31 -7.75
N LEU C 41 -31.15 35.06 -8.85
CA LEU C 41 -30.79 36.46 -8.72
C LEU C 41 -31.93 37.19 -7.99
N GLN C 42 -33.13 36.62 -8.04
CA GLN C 42 -34.29 37.22 -7.37
C GLN C 42 -34.47 36.85 -5.90
N HIS C 43 -34.25 35.58 -5.58
CA HIS C 43 -34.44 35.09 -4.21
C HIS C 43 -33.21 34.91 -3.33
N TRP C 44 -32.09 34.53 -3.93
CA TRP C 44 -30.86 34.29 -3.16
C TRP C 44 -30.17 35.56 -2.69
N ASN C 45 -29.68 35.51 -1.46
CA ASN C 45 -29.00 36.64 -0.84
C ASN C 45 -27.58 36.81 -1.29
N PHE C 46 -27.38 37.54 -2.38
CA PHE C 46 -26.03 37.79 -2.87
C PHE C 46 -25.53 39.04 -2.16
N PRO C 47 -24.32 38.96 -1.58
CA PRO C 47 -23.68 40.05 -0.86
C PRO C 47 -23.61 41.37 -1.61
N ASN C 48 -23.45 41.30 -2.92
CA ASN C 48 -23.35 42.51 -3.72
C ASN C 48 -23.38 42.24 -5.23
N GLU C 49 -23.29 43.30 -6.01
CA GLU C 49 -23.32 43.19 -7.45
C GLU C 49 -22.22 42.25 -7.94
N LYS C 50 -20.99 42.53 -7.51
CA LYS C 50 -19.86 41.72 -7.92
C LYS C 50 -20.16 40.23 -7.78
N ALA C 51 -20.84 39.84 -6.70
CA ALA C 51 -21.18 38.44 -6.49
C ALA C 51 -22.21 38.05 -7.55
N ARG C 52 -23.12 38.96 -7.86
CA ARG C 52 -24.13 38.72 -8.86
C ARG C 52 -23.49 38.46 -10.21
N LYS C 53 -22.53 39.30 -10.60
CA LYS C 53 -21.88 39.10 -11.89
C LYS C 53 -21.12 37.77 -11.88
N LYS C 54 -20.44 37.47 -10.79
CA LYS C 54 -19.68 36.24 -10.71
C LYS C 54 -20.60 35.03 -10.84
N PHE C 55 -21.74 35.10 -10.17
CA PHE C 55 -22.72 34.03 -10.19
C PHE C 55 -23.18 33.77 -11.63
N VAL C 56 -23.54 34.84 -12.33
CA VAL C 56 -23.98 34.75 -13.72
C VAL C 56 -22.85 34.25 -14.59
N ALA C 57 -21.63 34.71 -14.32
CA ALA C 57 -20.49 34.27 -15.11
C ALA C 57 -20.17 32.79 -14.84
N ALA C 58 -20.48 32.30 -13.64
CA ALA C 58 -20.24 30.89 -13.31
C ALA C 58 -21.15 29.97 -14.14
N GLY C 59 -22.39 30.43 -14.38
CA GLY C 59 -23.35 29.67 -15.18
C GLY C 59 -23.51 28.22 -14.77
N PHE C 60 -23.98 28.00 -13.56
CA PHE C 60 -24.15 26.67 -13.04
C PHE C 60 -25.14 25.85 -13.89
N SER C 61 -26.13 26.51 -14.47
CA SER C 61 -27.10 25.80 -15.31
C SER C 61 -26.39 25.32 -16.58
N ARG C 62 -25.36 26.07 -17.00
CA ARG C 62 -24.61 25.69 -18.19
C ARG C 62 -23.74 24.48 -17.86
N VAL C 63 -23.27 24.42 -16.61
CA VAL C 63 -22.47 23.28 -16.16
C VAL C 63 -23.41 22.09 -16.17
N THR C 64 -24.60 22.28 -15.60
CA THR C 64 -25.57 21.20 -15.51
C THR C 64 -25.98 20.66 -16.88
N CYS C 65 -26.17 21.56 -17.84
CA CYS C 65 -26.57 21.15 -19.19
C CYS C 65 -25.45 20.42 -19.98
N LEU C 66 -24.19 20.57 -19.53
CA LEU C 66 -23.03 19.91 -20.15
C LEU C 66 -22.95 18.47 -19.59
N TYR C 67 -23.28 18.30 -18.31
CA TYR C 67 -23.28 16.97 -17.73
C TYR C 67 -24.50 16.11 -18.11
N PHE C 68 -25.67 16.72 -18.29
CA PHE C 68 -26.90 15.99 -18.60
C PHE C 68 -27.53 16.48 -19.90
N PRO C 69 -26.81 16.38 -21.01
CA PRO C 69 -27.39 16.86 -22.28
C PRO C 69 -28.62 16.11 -22.76
N LYS C 70 -28.84 14.90 -22.25
CA LYS C 70 -30.01 14.15 -22.68
C LYS C 70 -31.14 14.20 -21.68
N ALA C 71 -31.09 15.14 -20.74
CA ALA C 71 -32.16 15.28 -19.77
C ALA C 71 -33.44 15.69 -20.51
N LEU C 72 -34.59 15.32 -19.94
CA LEU C 72 -35.88 15.67 -20.56
C LEU C 72 -36.05 17.19 -20.50
N ASP C 73 -36.65 17.75 -21.56
CA ASP C 73 -36.88 19.19 -21.64
C ASP C 73 -37.62 19.80 -20.44
N ASP C 74 -38.55 19.09 -19.85
CA ASP C 74 -39.27 19.64 -18.70
C ASP C 74 -38.69 19.19 -17.36
N ARG C 75 -37.49 18.62 -17.38
CA ARG C 75 -36.84 18.18 -16.14
C ARG C 75 -35.48 18.85 -15.95
N ILE C 76 -34.85 19.26 -17.05
CA ILE C 76 -33.53 19.86 -16.94
C ILE C 76 -33.48 21.06 -15.95
N HIS C 77 -34.55 21.85 -15.85
CA HIS C 77 -34.48 22.98 -14.93
C HIS C 77 -34.40 22.48 -13.47
N PHE C 78 -34.93 21.29 -13.20
CA PHE C 78 -34.88 20.72 -11.84
C PHE C 78 -33.42 20.43 -11.49
N ALA C 79 -32.69 19.81 -12.40
CA ALA C 79 -31.30 19.52 -12.14
C ALA C 79 -30.48 20.81 -12.01
N CYS C 80 -30.79 21.83 -12.81
CA CYS C 80 -30.06 23.09 -12.76
C CYS C 80 -30.27 23.80 -11.43
N ARG C 81 -31.51 23.78 -10.96
CA ARG C 81 -31.86 24.40 -9.69
C ARG C 81 -31.15 23.69 -8.53
N LEU C 82 -31.20 22.37 -8.53
CA LEU C 82 -30.59 21.60 -7.46
C LEU C 82 -29.08 21.81 -7.42
N LEU C 83 -28.41 21.74 -8.57
CA LEU C 83 -26.98 21.92 -8.55
C LEU C 83 -26.62 23.38 -8.27
N THR C 84 -27.44 24.32 -8.72
CA THR C 84 -27.12 25.72 -8.44
C THR C 84 -27.15 25.94 -6.90
N VAL C 85 -28.20 25.47 -6.24
CA VAL C 85 -28.25 25.67 -4.79
C VAL C 85 -27.09 24.92 -4.09
N LEU C 86 -26.71 23.76 -4.61
CA LEU C 86 -25.61 23.03 -3.98
C LEU C 86 -24.27 23.72 -4.24
N PHE C 87 -24.08 24.33 -5.42
CA PHE C 87 -22.84 25.07 -5.68
C PHE C 87 -22.73 26.30 -4.75
N LEU C 88 -23.83 27.04 -4.62
CA LEU C 88 -23.85 28.22 -3.77
C LEU C 88 -23.58 27.83 -2.31
N ILE C 89 -24.24 26.79 -1.83
CA ILE C 89 -24.02 26.34 -0.47
C ILE C 89 -22.58 25.88 -0.30
N ASP C 90 -22.07 25.14 -1.27
CA ASP C 90 -20.70 24.67 -1.15
C ASP C 90 -19.74 25.84 -0.99
N ASP C 91 -20.05 26.98 -1.61
CA ASP C 91 -19.18 28.15 -1.48
C ASP C 91 -19.35 28.74 -0.07
N LEU C 92 -20.57 28.69 0.47
CA LEU C 92 -20.84 29.22 1.80
C LEU C 92 -20.10 28.43 2.87
N LEU C 93 -20.19 27.10 2.80
CA LEU C 93 -19.56 26.22 3.75
C LEU C 93 -18.07 26.48 3.89
N GLU C 94 -17.45 27.01 2.84
CA GLU C 94 -16.03 27.28 2.88
C GLU C 94 -15.64 28.17 4.05
N TYR C 95 -16.45 29.19 4.33
CA TYR C 95 -16.18 30.13 5.41
C TYR C 95 -16.76 29.76 6.78
N MET C 96 -17.38 28.58 6.87
CA MET C 96 -17.95 28.13 8.13
C MET C 96 -17.07 27.04 8.70
N SER C 97 -17.30 26.69 9.96
CA SER C 97 -16.55 25.63 10.61
C SER C 97 -17.25 24.33 10.34
N PHE C 98 -16.57 23.20 10.53
CA PHE C 98 -17.18 21.91 10.30
C PHE C 98 -18.45 21.74 11.14
N GLU C 99 -18.46 22.36 12.31
CA GLU C 99 -19.62 22.28 13.19
C GLU C 99 -20.75 23.16 12.64
N GLU C 100 -20.37 24.35 12.19
CA GLU C 100 -21.32 25.29 11.67
C GLU C 100 -22.01 24.72 10.42
N GLY C 101 -21.21 24.15 9.49
CA GLY C 101 -21.60 23.61 8.19
C GLY C 101 -22.53 22.41 8.29
N SER C 102 -22.20 21.46 9.17
CA SER C 102 -23.07 20.31 9.32
C SER C 102 -24.42 20.71 9.88
N ALA C 103 -24.44 21.55 10.90
CA ALA C 103 -25.74 22.00 11.42
C ALA C 103 -26.51 22.89 10.40
N TYR C 104 -25.80 23.44 9.41
CA TYR C 104 -26.41 24.26 8.37
C TYR C 104 -27.19 23.35 7.42
N ASN C 105 -26.47 22.33 6.93
CA ASN C 105 -27.01 21.36 6.00
C ASN C 105 -28.01 20.42 6.67
N GLU C 106 -27.69 20.00 7.88
CA GLU C 106 -28.56 19.09 8.60
C GLU C 106 -29.94 19.71 8.73
N LYS C 107 -29.97 21.03 8.89
CA LYS C 107 -31.20 21.79 9.02
C LYS C 107 -32.05 21.73 7.74
N LEU C 108 -31.38 21.71 6.59
CA LEU C 108 -32.08 21.70 5.31
C LEU C 108 -32.64 20.33 4.94
N ILE C 109 -32.05 19.29 5.51
CA ILE C 109 -32.50 17.95 5.17
C ILE C 109 -33.96 17.69 5.50
N PRO C 110 -34.42 18.02 6.73
CA PRO C 110 -35.84 17.75 6.97
C PRO C 110 -36.71 18.55 6.00
N ILE C 111 -36.31 19.80 5.76
CA ILE C 111 -37.04 20.67 4.86
C ILE C 111 -37.20 20.02 3.48
N SER C 112 -36.10 19.45 2.99
CA SER C 112 -36.07 18.79 1.67
C SER C 112 -37.08 17.66 1.57
N ARG C 113 -37.26 16.91 2.64
CA ARG C 113 -38.21 15.79 2.64
C ARG C 113 -39.64 16.34 2.68
N GLY C 114 -39.77 17.61 3.02
CA GLY C 114 -41.09 18.23 3.13
C GLY C 114 -41.69 18.06 4.53
N ASP C 115 -40.90 17.54 5.46
CA ASP C 115 -41.35 17.27 6.82
C ASP C 115 -41.26 18.46 7.79
N VAL C 116 -40.78 19.59 7.29
CA VAL C 116 -40.66 20.80 8.10
C VAL C 116 -40.77 22.00 7.17
N LEU C 117 -41.75 22.85 7.41
CA LEU C 117 -41.92 24.02 6.56
C LEU C 117 -40.69 24.93 6.67
N PRO C 118 -40.41 25.68 5.59
CA PRO C 118 -39.28 26.60 5.54
C PRO C 118 -39.61 27.95 6.16
N ASP C 119 -38.59 28.60 6.68
CA ASP C 119 -38.74 29.92 7.27
C ASP C 119 -38.74 30.81 6.04
N ARG C 120 -39.92 31.26 5.62
CA ARG C 120 -40.04 32.06 4.42
C ARG C 120 -39.17 33.29 4.41
N SER C 121 -38.49 33.57 5.51
CA SER C 121 -37.62 34.73 5.61
C SER C 121 -36.18 34.37 5.27
N ILE C 122 -35.89 33.07 5.23
CA ILE C 122 -34.55 32.56 4.93
C ILE C 122 -34.50 31.98 3.53
N PRO C 123 -33.86 32.64 2.57
CA PRO C 123 -33.77 32.18 1.21
C PRO C 123 -33.47 30.70 1.03
N VAL C 124 -32.32 30.27 1.53
CA VAL C 124 -31.94 28.86 1.35
C VAL C 124 -33.02 27.87 1.79
N GLU C 125 -33.81 28.22 2.79
CA GLU C 125 -34.79 27.30 3.32
C GLU C 125 -36.03 27.15 2.43
N TYR C 126 -36.63 28.26 1.99
CA TYR C 126 -37.81 28.11 1.15
C TYR C 126 -37.45 27.72 -0.29
N ILE C 127 -36.26 28.08 -0.75
CA ILE C 127 -35.79 27.69 -2.08
C ILE C 127 -35.68 26.16 -2.12
N ILE C 128 -35.10 25.57 -1.08
CA ILE C 128 -34.94 24.12 -0.99
C ILE C 128 -36.31 23.46 -0.87
N TYR C 129 -37.13 23.97 0.03
CA TYR C 129 -38.48 23.43 0.24
C TYR C 129 -39.27 23.48 -1.06
N ASP C 130 -39.25 24.62 -1.74
CA ASP C 130 -40.01 24.81 -2.97
C ASP C 130 -39.53 23.93 -4.12
N LEU C 131 -38.22 23.80 -4.23
CA LEU C 131 -37.59 22.97 -5.24
C LEU C 131 -38.02 21.51 -5.11
N TRP C 132 -37.89 20.97 -3.91
CA TRP C 132 -38.27 19.59 -3.71
C TRP C 132 -39.78 19.40 -3.84
N GLU C 133 -40.54 20.42 -3.48
CA GLU C 133 -41.99 20.31 -3.59
C GLU C 133 -42.35 20.19 -5.07
N SER C 134 -41.77 21.06 -5.89
CA SER C 134 -41.99 21.05 -7.32
C SER C 134 -41.59 19.71 -7.92
N MET C 135 -40.43 19.20 -7.49
CA MET C 135 -39.96 17.93 -8.02
C MET C 135 -40.92 16.79 -7.71
N ARG C 136 -41.43 16.72 -6.48
CA ARG C 136 -42.39 15.69 -6.05
C ARG C 136 -43.67 15.82 -6.89
N ALA C 137 -44.04 17.05 -7.17
CA ALA C 137 -45.24 17.37 -7.94
C ALA C 137 -45.11 16.81 -9.35
N HIS C 138 -43.89 16.84 -9.90
CA HIS C 138 -43.63 16.35 -11.24
C HIS C 138 -43.56 14.84 -11.35
N ASP C 139 -42.73 14.24 -10.50
CA ASP C 139 -42.56 12.78 -10.48
C ASP C 139 -42.24 12.36 -9.04
N ARG C 140 -43.29 12.17 -8.25
CA ARG C 140 -43.16 11.79 -6.84
C ARG C 140 -42.22 10.62 -6.54
N GLU C 141 -42.37 9.54 -7.30
CA GLU C 141 -41.54 8.38 -7.07
C GLU C 141 -40.06 8.63 -7.38
N MET C 142 -39.78 9.26 -8.52
CA MET C 142 -38.41 9.55 -8.90
C MET C 142 -37.77 10.64 -8.05
N ALA C 143 -38.59 11.56 -7.52
CA ALA C 143 -38.03 12.63 -6.69
C ALA C 143 -37.62 12.05 -5.34
N ASP C 144 -38.42 11.11 -4.83
CA ASP C 144 -38.11 10.48 -3.56
C ASP C 144 -36.84 9.64 -3.68
N GLU C 145 -36.61 9.05 -4.85
CA GLU C 145 -35.42 8.23 -5.06
C GLU C 145 -34.12 9.03 -4.98
N ILE C 146 -34.15 10.33 -5.30
CA ILE C 146 -32.87 11.07 -5.25
C ILE C 146 -32.66 11.77 -3.90
N LEU C 147 -33.60 11.62 -2.96
CA LEU C 147 -33.44 12.25 -1.64
C LEU C 147 -32.18 11.77 -0.92
N GLU C 148 -32.01 10.46 -0.78
CA GLU C 148 -30.84 9.95 -0.07
C GLU C 148 -29.53 10.24 -0.76
N PRO C 149 -29.47 10.16 -2.08
CA PRO C 149 -28.23 10.46 -2.80
C PRO C 149 -27.81 11.92 -2.52
N VAL C 150 -28.79 12.82 -2.48
CA VAL C 150 -28.51 14.23 -2.19
C VAL C 150 -28.04 14.43 -0.74
N PHE C 151 -28.74 13.78 0.20
CA PHE C 151 -28.40 13.92 1.61
C PHE C 151 -27.03 13.34 1.89
N LEU C 152 -26.73 12.23 1.22
CA LEU C 152 -25.41 11.60 1.38
C LEU C 152 -24.35 12.61 1.00
N PHE C 153 -24.58 13.32 -0.11
CA PHE C 153 -23.64 14.34 -0.58
C PHE C 153 -23.56 15.54 0.37
N MET C 154 -24.70 16.02 0.84
CA MET C 154 -24.70 17.17 1.73
C MET C 154 -23.97 16.85 3.02
N ARG C 155 -24.11 15.63 3.53
CA ARG C 155 -23.41 15.29 4.76
C ARG C 155 -21.91 15.19 4.48
N ALA C 156 -21.54 14.52 3.38
CA ALA C 156 -20.16 14.35 2.99
C ALA C 156 -19.35 15.64 2.92
N GLN C 157 -20.00 16.77 2.55
CA GLN C 157 -19.24 18.00 2.41
C GLN C 157 -18.82 18.69 3.71
N THR C 158 -18.93 17.98 4.83
CA THR C 158 -18.51 18.52 6.12
C THR C 158 -17.85 17.46 7.00
N ASP C 159 -17.26 16.46 6.39
CA ASP C 159 -16.56 15.40 7.10
C ASP C 159 -15.07 15.69 7.01
N ARG C 160 -14.30 15.25 8.01
CA ARG C 160 -12.87 15.49 7.99
C ARG C 160 -12.13 14.26 7.48
N THR C 161 -10.93 14.49 6.96
CA THR C 161 -10.09 13.46 6.35
C THR C 161 -9.50 12.54 7.37
N ARG C 162 -9.45 11.29 7.01
CA ARG C 162 -8.96 10.28 7.95
C ARG C 162 -7.80 9.52 7.36
N ALA C 163 -6.71 10.24 7.37
CA ALA C 163 -5.43 9.90 6.86
C ALA C 163 -4.84 8.61 7.28
N ARG C 164 -4.26 8.11 6.25
CA ARG C 164 -3.59 6.91 6.34
C ARG C 164 -2.82 6.84 5.02
N PRO C 165 -1.90 5.92 4.90
CA PRO C 165 -1.13 5.77 3.66
C PRO C 165 -2.04 5.37 2.49
N MET C 166 -2.05 6.15 1.42
CA MET C 166 -2.88 5.78 0.28
C MET C 166 -2.10 5.77 -1.02
N GLY C 167 -1.99 4.59 -1.60
CA GLY C 167 -1.31 4.44 -2.87
C GLY C 167 -2.29 4.64 -4.01
N LEU C 168 -1.81 4.42 -5.22
CA LEU C 168 -2.65 4.60 -6.40
C LEU C 168 -3.89 3.74 -6.41
N GLY C 169 -3.73 2.45 -6.18
CA GLY C 169 -4.87 1.52 -6.16
C GLY C 169 -5.92 1.95 -5.13
N GLY C 170 -5.46 2.23 -3.91
CA GLY C 170 -6.39 2.63 -2.84
C GLY C 170 -7.13 3.93 -3.18
N TYR C 171 -6.40 4.89 -3.72
CA TYR C 171 -7.00 6.17 -4.11
C TYR C 171 -8.08 6.00 -5.19
N LEU C 172 -7.81 5.19 -6.21
CA LEU C 172 -8.78 5.00 -7.29
C LEU C 172 -10.01 4.27 -6.77
N GLU C 173 -9.79 3.27 -5.95
CA GLU C 173 -10.88 2.52 -5.37
C GLU C 173 -11.76 3.45 -4.58
N TYR C 174 -11.13 4.38 -3.86
CA TYR C 174 -11.86 5.35 -3.08
C TYR C 174 -12.74 6.22 -4.01
N ARG C 175 -12.16 6.72 -5.09
CA ARG C 175 -12.90 7.56 -6.03
C ARG C 175 -14.00 6.80 -6.76
N GLU C 176 -13.90 5.47 -6.81
CA GLU C 176 -14.95 4.70 -7.46
C GLU C 176 -16.26 4.90 -6.69
N ARG C 177 -16.13 5.23 -5.40
CA ARG C 177 -17.29 5.42 -4.54
C ARG C 177 -17.59 6.87 -4.20
N ASP C 178 -16.99 7.80 -4.93
CA ASP C 178 -17.21 9.22 -4.69
C ASP C 178 -18.71 9.53 -4.63
N VAL C 179 -19.15 10.21 -3.56
CA VAL C 179 -20.55 10.53 -3.38
C VAL C 179 -20.99 11.66 -4.30
N GLY C 180 -20.04 12.46 -4.75
CA GLY C 180 -20.35 13.55 -5.68
C GLY C 180 -20.75 12.90 -7.01
N LYS C 181 -19.96 11.95 -7.50
CA LYS C 181 -20.31 11.30 -8.75
C LYS C 181 -21.58 10.44 -8.63
N GLU C 182 -21.84 9.91 -7.43
CA GLU C 182 -23.04 9.11 -7.24
C GLU C 182 -24.21 10.06 -7.35
N LEU C 183 -24.09 11.24 -6.77
CA LEU C 183 -25.14 12.23 -6.89
C LEU C 183 -25.45 12.51 -8.36
N LEU C 184 -24.40 12.74 -9.16
CA LEU C 184 -24.57 13.06 -10.58
C LEU C 184 -25.29 11.94 -11.34
N ALA C 185 -24.89 10.70 -11.13
CA ALA C 185 -25.56 9.60 -11.83
C ALA C 185 -27.03 9.54 -11.41
N ALA C 186 -27.30 9.77 -10.13
CA ALA C 186 -28.68 9.72 -9.64
C ALA C 186 -29.54 10.87 -10.17
N LEU C 187 -28.95 12.06 -10.26
CA LEU C 187 -29.67 13.23 -10.75
C LEU C 187 -29.85 13.10 -12.27
N MET C 188 -28.93 12.44 -12.94
CA MET C 188 -29.05 12.24 -14.38
C MET C 188 -30.27 11.34 -14.66
N ARG C 189 -30.39 10.26 -13.89
CA ARG C 189 -31.52 9.34 -14.05
C ARG C 189 -32.84 10.08 -13.82
N PHE C 190 -32.88 10.92 -12.79
CA PHE C 190 -34.10 11.68 -12.52
C PHE C 190 -34.41 12.62 -13.68
N SER C 191 -33.38 13.32 -14.14
CA SER C 191 -33.53 14.28 -15.22
C SER C 191 -33.96 13.65 -16.54
N MET C 192 -33.59 12.39 -16.74
CA MET C 192 -33.90 11.67 -17.97
C MET C 192 -35.14 10.80 -17.86
N GLY C 193 -35.80 10.84 -16.70
CA GLY C 193 -36.99 10.03 -16.49
C GLY C 193 -36.71 8.54 -16.55
N LEU C 194 -35.46 8.16 -16.32
CA LEU C 194 -35.06 6.75 -16.35
C LEU C 194 -35.30 6.04 -15.02
N LYS C 195 -36.34 5.22 -14.97
CA LYS C 195 -36.66 4.45 -13.76
C LYS C 195 -36.09 3.05 -13.97
N LEU C 196 -34.86 2.84 -13.57
CA LEU C 196 -34.23 1.55 -13.74
C LEU C 196 -34.59 0.67 -12.54
N SER C 197 -34.67 -0.64 -12.79
CA SER C 197 -34.99 -1.59 -11.74
C SER C 197 -33.74 -1.87 -10.92
N PRO C 198 -33.87 -2.00 -9.60
CA PRO C 198 -32.72 -2.26 -8.74
C PRO C 198 -31.88 -3.36 -9.34
N SER C 199 -32.55 -4.36 -9.90
CA SER C 199 -31.90 -5.50 -10.52
C SER C 199 -30.86 -5.12 -11.56
N GLU C 200 -31.28 -4.45 -12.63
CA GLU C 200 -30.33 -4.09 -13.67
C GLU C 200 -29.57 -2.76 -13.39
N LEU C 201 -29.51 -2.36 -12.16
CA LEU C 201 -28.78 -1.20 -11.68
C LEU C 201 -27.69 -1.90 -10.95
N GLN C 202 -28.13 -2.75 -10.14
CA GLN C 202 -27.20 -3.61 -9.55
C GLN C 202 -26.30 -4.20 -10.63
N ARG C 203 -26.84 -4.31 -11.86
CA ARG C 203 -26.13 -4.93 -12.98
C ARG C 203 -25.10 -4.02 -13.67
N VAL C 204 -25.15 -2.72 -13.42
CA VAL C 204 -24.18 -1.82 -14.05
C VAL C 204 -23.22 -1.24 -12.98
N ARG C 205 -22.98 -2.01 -11.93
CA ARG C 205 -22.09 -1.56 -10.86
C ARG C 205 -20.66 -1.28 -11.33
N GLU C 206 -20.08 -2.18 -12.12
CA GLU C 206 -18.72 -1.99 -12.66
C GLU C 206 -18.67 -0.75 -13.55
N ILE C 207 -19.72 -0.56 -14.35
CA ILE C 207 -19.79 0.59 -15.22
C ILE C 207 -19.78 1.88 -14.40
N ASP C 208 -20.60 1.92 -13.35
CA ASP C 208 -20.69 3.10 -12.48
C ASP C 208 -19.34 3.45 -11.83
N ALA C 209 -18.64 2.42 -11.35
CA ALA C 209 -17.36 2.60 -10.69
C ALA C 209 -16.31 3.11 -11.66
N ASN C 210 -16.27 2.50 -12.85
CA ASN C 210 -15.31 2.87 -13.91
C ASN C 210 -15.51 4.35 -14.29
N CYS C 211 -16.77 4.78 -14.32
CA CYS C 211 -17.14 6.16 -14.67
C CYS C 211 -16.74 7.15 -13.55
N SER C 212 -17.08 6.82 -12.31
CA SER C 212 -16.78 7.70 -11.17
C SER C 212 -15.27 7.99 -11.11
N LYS C 213 -14.48 6.94 -11.33
CA LYS C 213 -13.04 7.02 -11.35
C LYS C 213 -12.55 7.93 -12.47
N HIS C 214 -13.13 7.74 -13.66
CA HIS C 214 -12.76 8.55 -14.82
C HIS C 214 -13.02 10.04 -14.54
N LEU C 215 -14.23 10.34 -14.03
CA LEU C 215 -14.61 11.71 -13.73
C LEU C 215 -13.65 12.32 -12.69
N SER C 216 -13.37 11.54 -11.65
CA SER C 216 -12.48 12.00 -10.56
C SER C 216 -11.06 12.26 -11.02
N VAL C 217 -10.51 11.34 -11.83
CA VAL C 217 -9.16 11.54 -12.29
C VAL C 217 -9.05 12.68 -13.25
N VAL C 218 -10.06 12.90 -14.10
CA VAL C 218 -9.99 14.02 -15.02
C VAL C 218 -10.04 15.31 -14.18
N ASN C 219 -10.86 15.35 -13.15
CA ASN C 219 -10.88 16.55 -12.30
C ASN C 219 -9.47 16.75 -11.70
N ASP C 220 -8.87 15.68 -11.17
CA ASP C 220 -7.52 15.75 -10.57
C ASP C 220 -6.52 16.39 -11.50
N ILE C 221 -6.49 15.92 -12.74
CA ILE C 221 -5.56 16.44 -13.74
C ILE C 221 -5.63 17.95 -13.91
N TYR C 222 -6.84 18.49 -13.97
CA TYR C 222 -6.98 19.94 -14.15
C TYR C 222 -7.05 20.78 -12.88
N SER C 223 -7.27 20.16 -11.72
CA SER C 223 -7.34 20.94 -10.48
C SER C 223 -6.02 20.95 -9.70
N TYR C 224 -5.04 20.20 -10.20
CA TYR C 224 -3.75 20.09 -9.52
C TYR C 224 -3.03 21.40 -9.22
N GLU C 225 -2.85 22.24 -10.23
CA GLU C 225 -2.15 23.50 -10.00
C GLU C 225 -2.80 24.29 -8.88
N LYS C 226 -4.13 24.39 -8.91
CA LYS C 226 -4.83 25.12 -7.86
C LYS C 226 -4.71 24.42 -6.52
N GLU C 227 -4.85 23.09 -6.52
CA GLU C 227 -4.75 22.34 -5.28
C GLU C 227 -3.36 22.55 -4.67
N LEU C 228 -2.34 22.56 -5.52
CA LEU C 228 -0.97 22.78 -5.08
C LEU C 228 -0.83 24.27 -4.72
N TYR C 229 -0.57 24.54 -3.44
CA TYR C 229 -0.39 25.92 -2.96
C TYR C 229 -0.19 25.95 -1.46
N THR C 230 -0.66 24.89 -0.81
CA THR C 230 -0.54 24.73 0.63
C THR C 230 0.93 24.77 1.02
N LEU C 241 -1.30 16.02 -0.33
CA LEU C 241 -2.34 16.26 -1.33
C LEU C 241 -2.95 14.93 -1.75
N CYS C 242 -4.26 14.81 -1.54
CA CYS C 242 -4.94 13.58 -1.91
C CYS C 242 -5.44 13.65 -3.35
N THR C 243 -4.52 13.49 -4.29
CA THR C 243 -4.91 13.51 -5.69
C THR C 243 -4.08 12.51 -6.48
N SER C 244 -4.68 11.92 -7.51
CA SER C 244 -3.97 10.93 -8.29
C SER C 244 -2.67 11.42 -8.92
N VAL C 245 -2.61 12.71 -9.23
CA VAL C 245 -1.46 13.33 -9.89
C VAL C 245 -0.24 13.25 -8.99
N GLN C 246 -0.39 13.70 -7.74
CA GLN C 246 0.73 13.65 -6.81
C GLN C 246 1.09 12.22 -6.47
N ILE C 247 0.09 11.38 -6.29
CA ILE C 247 0.36 9.99 -5.94
C ILE C 247 1.13 9.27 -7.07
N LEU C 248 0.66 9.40 -8.32
CA LEU C 248 1.36 8.75 -9.42
C LEU C 248 2.76 9.35 -9.61
N ALA C 249 2.87 10.67 -9.52
CA ALA C 249 4.16 11.33 -9.67
C ALA C 249 5.17 10.78 -8.64
N GLN C 250 4.70 10.52 -7.41
CA GLN C 250 5.58 9.98 -6.37
C GLN C 250 5.81 8.49 -6.58
N GLU C 251 4.77 7.76 -6.99
CA GLU C 251 4.98 6.32 -7.16
C GLU C 251 5.86 6.02 -8.35
N ALA C 252 5.80 6.86 -9.37
CA ALA C 252 6.63 6.64 -10.58
C ALA C 252 7.91 7.47 -10.62
N ASP C 253 8.03 8.42 -9.69
CA ASP C 253 9.13 9.36 -9.60
C ASP C 253 9.28 10.19 -10.86
N VAL C 254 8.19 10.85 -11.25
CA VAL C 254 8.18 11.73 -12.40
C VAL C 254 7.55 13.06 -11.95
N THR C 255 7.63 14.08 -12.80
CA THR C 255 7.04 15.38 -12.46
C THR C 255 5.53 15.28 -12.47
N ALA C 256 4.86 16.25 -11.86
CA ALA C 256 3.40 16.23 -11.84
C ALA C 256 2.88 16.34 -13.28
N GLU C 257 3.61 17.02 -14.17
CA GLU C 257 3.13 17.14 -15.55
C GLU C 257 3.16 15.79 -16.26
N ALA C 258 4.24 15.04 -16.04
CA ALA C 258 4.37 13.70 -16.61
C ALA C 258 3.22 12.85 -16.10
N ALA C 259 2.96 12.98 -14.80
CA ALA C 259 1.90 12.22 -14.17
C ALA C 259 0.54 12.50 -14.82
N LYS C 260 0.24 13.76 -15.09
CA LYS C 260 -1.04 14.08 -15.76
C LYS C 260 -1.15 13.38 -17.13
N ARG C 261 -0.07 13.38 -17.91
CA ARG C 261 -0.11 12.73 -19.22
C ARG C 261 -0.41 11.23 -19.10
N VAL C 262 0.22 10.56 -18.15
CA VAL C 262 0.01 9.11 -17.98
C VAL C 262 -1.42 8.83 -17.51
N LEU C 263 -1.91 9.65 -16.59
CA LEU C 263 -3.26 9.47 -16.08
C LEU C 263 -4.28 9.70 -17.19
N PHE C 264 -3.96 10.58 -18.13
CA PHE C 264 -4.90 10.87 -19.20
C PHE C 264 -5.01 9.63 -20.09
N VAL C 265 -3.89 8.94 -20.31
CA VAL C 265 -3.95 7.72 -21.11
C VAL C 265 -4.78 6.67 -20.37
N MET C 266 -4.64 6.62 -19.05
CA MET C 266 -5.40 5.72 -18.21
C MET C 266 -6.88 5.99 -18.41
N CYS C 267 -7.23 7.28 -18.47
CA CYS C 267 -8.62 7.66 -18.65
C CYS C 267 -9.14 7.13 -20.00
N ARG C 268 -8.29 7.16 -21.01
CA ARG C 268 -8.75 6.61 -22.30
C ARG C 268 -8.92 5.09 -22.16
N GLU C 269 -8.19 4.45 -21.26
CA GLU C 269 -8.38 3.00 -21.11
C GLU C 269 -9.70 2.74 -20.40
N TRP C 270 -10.08 3.64 -19.50
CA TRP C 270 -11.36 3.46 -18.82
C TRP C 270 -12.48 3.74 -19.82
N GLU C 271 -12.22 4.56 -20.83
CA GLU C 271 -13.26 4.83 -21.83
C GLU C 271 -13.41 3.54 -22.67
N LEU C 272 -12.29 2.90 -23.03
CA LEU C 272 -12.40 1.64 -23.76
C LEU C 272 -13.08 0.60 -22.87
N ARG C 273 -12.76 0.59 -21.57
CA ARG C 273 -13.38 -0.37 -20.68
C ARG C 273 -14.89 -0.16 -20.60
N HIS C 274 -15.34 1.09 -20.60
CA HIS C 274 -16.76 1.36 -20.57
C HIS C 274 -17.43 0.69 -21.79
N GLN C 275 -16.88 0.90 -22.97
CA GLN C 275 -17.48 0.30 -24.16
C GLN C 275 -17.50 -1.22 -24.07
N LEU C 276 -16.42 -1.79 -23.55
CA LEU C 276 -16.32 -3.24 -23.39
C LEU C 276 -17.39 -3.74 -22.43
N LEU C 277 -17.60 -3.02 -21.34
CA LEU C 277 -18.62 -3.40 -20.35
C LEU C 277 -20.02 -3.26 -20.91
N VAL C 278 -20.22 -2.30 -21.80
CA VAL C 278 -21.53 -2.10 -22.38
C VAL C 278 -21.77 -3.20 -23.40
N ALA C 279 -20.79 -3.48 -24.23
CA ALA C 279 -20.94 -4.54 -25.22
C ALA C 279 -21.24 -5.85 -24.46
N ARG C 280 -20.40 -6.20 -23.49
CA ARG C 280 -20.61 -7.42 -22.73
C ARG C 280 -22.03 -7.47 -22.16
N LEU C 281 -22.56 -6.28 -21.82
CA LEU C 281 -23.92 -6.19 -21.33
C LEU C 281 -24.92 -6.64 -22.40
N SER C 282 -24.92 -5.89 -23.51
CA SER C 282 -25.86 -6.08 -24.61
C SER C 282 -25.87 -7.57 -24.97
N ALA C 283 -24.65 -8.14 -24.85
CA ALA C 283 -24.24 -9.50 -25.18
C ALA C 283 -24.77 -10.65 -24.34
N GLU C 284 -25.32 -10.43 -23.16
CA GLU C 284 -25.98 -11.55 -22.50
C GLU C 284 -27.44 -11.07 -22.50
N GLY C 285 -27.83 -10.40 -21.44
CA GLY C 285 -29.18 -9.86 -21.33
C GLY C 285 -29.14 -8.34 -21.22
N THR C 288 -31.26 -3.66 -21.92
CA THR C 288 -32.60 -3.08 -21.66
C THR C 288 -32.62 -1.62 -22.11
N PRO C 289 -33.80 -1.12 -22.53
CA PRO C 289 -33.95 0.27 -22.99
C PRO C 289 -33.36 1.27 -22.00
N GLY C 290 -33.76 1.14 -20.74
CA GLY C 290 -33.26 2.04 -19.71
C GLY C 290 -31.74 2.01 -19.63
N LEU C 291 -31.17 0.84 -19.39
CA LEU C 291 -29.72 0.71 -19.27
C LEU C 291 -28.96 1.20 -20.49
N ALA C 292 -29.53 1.02 -21.68
CA ALA C 292 -28.85 1.54 -22.86
C ALA C 292 -28.86 3.06 -22.75
N ALA C 293 -29.99 3.61 -22.32
CA ALA C 293 -30.11 5.06 -22.18
C ALA C 293 -29.18 5.53 -21.04
N TYR C 294 -29.18 4.77 -19.95
CA TYR C 294 -28.37 5.09 -18.80
C TYR C 294 -26.88 5.07 -19.11
N VAL C 295 -26.38 3.97 -19.67
CA VAL C 295 -24.95 3.92 -19.95
C VAL C 295 -24.50 4.96 -20.95
N GLU C 296 -25.38 5.38 -21.86
CA GLU C 296 -25.00 6.42 -22.81
C GLU C 296 -24.91 7.77 -22.08
N GLY C 297 -25.82 8.00 -21.12
CA GLY C 297 -25.79 9.25 -20.37
C GLY C 297 -24.50 9.38 -19.55
N LEU C 298 -23.99 8.26 -19.04
CA LEU C 298 -22.74 8.24 -18.27
C LEU C 298 -21.60 8.61 -19.19
N GLU C 299 -21.71 8.23 -20.47
CA GLU C 299 -20.66 8.58 -21.41
C GLU C 299 -20.64 10.10 -21.62
N TYR C 300 -21.80 10.75 -21.60
CA TYR C 300 -21.88 12.20 -21.77
C TYR C 300 -21.33 12.94 -20.51
N GLN C 301 -21.46 12.31 -19.35
CA GLN C 301 -20.87 12.91 -18.14
C GLN C 301 -19.36 12.90 -18.28
N MET C 302 -18.82 11.76 -18.67
CA MET C 302 -17.38 11.63 -18.85
C MET C 302 -16.81 12.65 -19.81
N SER C 303 -17.39 12.76 -21.01
CA SER C 303 -16.91 13.72 -22.00
C SER C 303 -17.20 15.17 -21.56
N GLY C 304 -18.39 15.40 -21.00
CA GLY C 304 -18.73 16.73 -20.55
C GLY C 304 -17.86 17.21 -19.38
N ASN C 305 -17.59 16.29 -18.45
CA ASN C 305 -16.73 16.56 -17.28
C ASN C 305 -15.35 16.99 -17.71
N GLU C 306 -14.87 16.40 -18.80
CA GLU C 306 -13.55 16.73 -19.32
C GLU C 306 -13.56 18.14 -19.87
N LEU C 307 -14.58 18.49 -20.65
CA LEU C 307 -14.65 19.84 -21.19
C LEU C 307 -14.81 20.84 -20.05
N TRP C 308 -15.63 20.50 -19.06
CA TRP C 308 -15.83 21.38 -17.92
C TRP C 308 -14.52 21.59 -17.14
N SER C 309 -13.82 20.48 -16.86
CA SER C 309 -12.56 20.55 -16.10
C SER C 309 -11.52 21.43 -16.78
N GLN C 310 -11.54 21.46 -18.09
CA GLN C 310 -10.58 22.25 -18.85
C GLN C 310 -10.95 23.73 -18.93
N THR C 311 -12.19 24.05 -18.63
CA THR C 311 -12.64 25.44 -18.79
C THR C 311 -13.09 26.17 -17.56
N THR C 312 -13.45 25.45 -16.50
CA THR C 312 -13.98 26.03 -15.27
C THR C 312 -13.02 26.96 -14.51
N LEU C 313 -13.55 28.09 -14.05
CA LEU C 313 -12.74 29.01 -13.27
C LEU C 313 -12.52 28.42 -11.89
N ARG C 314 -13.23 27.33 -11.58
CA ARG C 314 -13.11 26.68 -10.28
C ARG C 314 -11.67 26.20 -10.04
N TYR C 315 -10.97 25.88 -11.13
CA TYR C 315 -9.60 25.38 -11.09
C TYR C 315 -8.56 26.42 -11.51
N SER C 316 -8.97 27.68 -11.59
CA SER C 316 -8.05 28.73 -12.00
C SER C 316 -7.30 29.29 -10.78
N VAL C 317 -6.00 29.50 -10.89
CA VAL C 317 -5.23 30.03 -9.76
C VAL C 317 -5.75 31.39 -9.30
N SER D 13 0.34 3.51 28.67
CA SER D 13 1.10 2.44 29.38
C SER D 13 1.88 1.52 28.42
N LEU D 14 3.15 1.28 28.77
CA LEU D 14 4.04 0.43 27.99
C LEU D 14 4.85 -0.57 28.85
N GLU D 15 4.22 -1.68 29.18
CA GLU D 15 4.86 -2.75 29.94
C GLU D 15 5.34 -3.73 28.86
N PRO D 16 6.66 -3.83 28.66
CA PRO D 16 7.14 -4.76 27.63
C PRO D 16 6.62 -6.16 27.80
N PRO D 17 6.22 -6.81 26.68
CA PRO D 17 5.73 -8.18 26.83
C PRO D 17 6.88 -9.14 27.12
N PRO D 18 6.56 -10.37 27.52
CA PRO D 18 7.57 -11.39 27.82
C PRO D 18 8.55 -11.60 26.67
N SER D 19 9.83 -11.76 27.01
CA SER D 19 10.86 -12.02 26.02
C SER D 19 11.82 -13.13 26.49
N THR D 20 12.28 -13.96 25.55
CA THR D 20 13.24 -15.00 25.88
C THR D 20 14.68 -14.50 25.61
N PHE D 21 14.82 -13.25 25.18
CA PHE D 21 16.17 -12.72 24.95
C PHE D 21 16.60 -12.02 26.25
N GLN D 22 17.70 -12.45 26.87
CA GLN D 22 18.17 -11.78 28.09
C GLN D 22 19.41 -10.99 27.67
N PRO D 23 19.38 -9.68 27.89
CA PRO D 23 20.52 -8.88 27.49
C PRO D 23 21.75 -9.12 28.35
N LEU D 24 22.91 -8.88 27.78
CA LEU D 24 24.18 -9.07 28.49
C LEU D 24 24.89 -7.72 28.48
N CYS D 25 25.74 -7.48 29.47
CA CYS D 25 26.44 -6.21 29.60
C CYS D 25 27.94 -6.48 29.74
N HIS D 26 28.77 -5.77 28.97
CA HIS D 26 30.21 -5.99 29.00
C HIS D 26 30.77 -5.77 30.42
N PRO D 27 31.56 -6.73 30.95
CA PRO D 27 32.11 -6.60 32.31
C PRO D 27 32.97 -5.37 32.55
N LEU D 28 33.60 -4.86 31.49
CA LEU D 28 34.48 -3.70 31.63
C LEU D 28 33.77 -2.36 31.48
N VAL D 29 32.43 -2.41 31.44
CA VAL D 29 31.67 -1.17 31.24
C VAL D 29 32.04 -0.04 32.19
N GLU D 30 32.23 -0.36 33.47
CA GLU D 30 32.55 0.70 34.43
C GLU D 30 33.94 1.28 34.15
N GLU D 31 34.88 0.40 33.84
CA GLU D 31 36.24 0.83 33.56
C GLU D 31 36.36 1.58 32.23
N VAL D 32 35.71 1.07 31.19
CA VAL D 32 35.81 1.73 29.88
C VAL D 32 35.02 3.04 29.85
N SER D 33 33.88 3.06 30.54
CA SER D 33 33.08 4.28 30.61
C SER D 33 33.85 5.43 31.23
N LYS D 34 34.45 5.22 32.41
CA LYS D 34 35.17 6.37 32.94
C LYS D 34 36.34 6.79 32.05
N GLU D 35 37.01 5.82 31.43
CA GLU D 35 38.13 6.10 30.52
C GLU D 35 37.63 6.94 29.33
N VAL D 36 36.59 6.47 28.66
CA VAL D 36 36.08 7.20 27.49
C VAL D 36 35.38 8.51 27.85
N ASP D 37 34.55 8.51 28.90
CA ASP D 37 33.91 9.75 29.34
C ASP D 37 35.04 10.72 29.70
N GLY D 38 36.01 10.20 30.45
CA GLY D 38 37.15 11.00 30.86
C GLY D 38 37.84 11.67 29.68
N TYR D 39 38.02 10.92 28.59
CA TYR D 39 38.66 11.43 27.39
C TYR D 39 37.88 12.57 26.74
N PHE D 40 36.59 12.38 26.53
CA PHE D 40 35.78 13.40 25.91
C PHE D 40 35.62 14.64 26.81
N LEU D 41 35.62 14.46 28.12
CA LEU D 41 35.50 15.59 29.02
C LEU D 41 36.77 16.42 28.96
N GLN D 42 37.88 15.79 28.60
CA GLN D 42 39.14 16.50 28.50
C GLN D 42 39.32 17.22 27.16
N HIS D 43 38.79 16.65 26.09
CA HIS D 43 38.98 17.26 24.78
C HIS D 43 37.77 17.88 24.10
N TRP D 44 36.60 17.29 24.27
CA TRP D 44 35.41 17.81 23.60
C TRP D 44 34.97 19.18 24.10
N ASN D 45 34.42 19.99 23.19
CA ASN D 45 33.98 21.33 23.56
C ASN D 45 32.61 21.37 24.21
N PHE D 46 32.57 21.26 25.54
CA PHE D 46 31.31 21.31 26.25
C PHE D 46 31.09 22.75 26.72
N PRO D 47 29.92 23.31 26.40
CA PRO D 47 29.55 24.69 26.78
C PRO D 47 29.62 24.96 28.29
N ASN D 48 28.56 24.57 28.97
CA ASN D 48 28.45 24.75 30.41
C ASN D 48 28.73 23.42 31.10
N GLU D 49 28.89 23.47 32.43
CA GLU D 49 29.16 22.24 33.16
C GLU D 49 27.87 21.46 33.32
N LYS D 50 26.75 22.09 32.93
CA LYS D 50 25.48 21.40 32.99
C LYS D 50 25.55 20.41 31.84
N ALA D 51 26.28 20.78 30.79
CA ALA D 51 26.47 19.92 29.63
C ALA D 51 27.38 18.75 30.01
N ARG D 52 28.51 19.05 30.65
CA ARG D 52 29.46 18.02 31.09
C ARG D 52 28.71 16.98 31.93
N LYS D 53 27.89 17.47 32.85
CA LYS D 53 27.12 16.61 33.74
C LYS D 53 26.11 15.78 32.96
N LYS D 54 25.44 16.42 32.01
CA LYS D 54 24.45 15.75 31.19
C LYS D 54 25.11 14.72 30.28
N PHE D 55 26.34 15.00 29.87
CA PHE D 55 27.07 14.07 29.00
C PHE D 55 27.35 12.78 29.78
N VAL D 56 27.91 12.91 30.99
CA VAL D 56 28.22 11.72 31.79
C VAL D 56 26.97 10.94 32.16
N ALA D 57 25.84 11.62 32.33
CA ALA D 57 24.58 10.95 32.67
C ALA D 57 24.04 10.19 31.46
N ALA D 58 24.45 10.61 30.26
CA ALA D 58 23.97 9.93 29.05
C ALA D 58 24.54 8.51 28.90
N GLY D 59 25.69 8.23 29.50
CA GLY D 59 26.25 6.89 29.43
C GLY D 59 26.33 6.28 28.04
N PHE D 60 27.10 6.92 27.17
CA PHE D 60 27.25 6.45 25.79
C PHE D 60 28.01 5.13 25.69
N SER D 61 28.94 4.92 26.61
CA SER D 61 29.72 3.70 26.63
C SER D 61 28.85 2.61 27.22
N ARG D 62 27.86 3.01 28.01
CA ARG D 62 26.98 2.02 28.58
C ARG D 62 26.18 1.37 27.47
N VAL D 63 25.62 2.16 26.55
CA VAL D 63 24.85 1.53 25.48
C VAL D 63 25.74 0.61 24.69
N THR D 64 26.92 1.10 24.36
CA THR D 64 27.87 0.32 23.57
C THR D 64 28.10 -1.03 24.23
N CYS D 65 28.26 -1.03 25.56
CA CYS D 65 28.52 -2.26 26.27
C CYS D 65 27.31 -3.19 26.35
N LEU D 66 26.09 -2.68 26.07
CA LEU D 66 24.91 -3.52 26.01
C LEU D 66 24.82 -4.04 24.56
N TYR D 67 25.25 -3.23 23.60
CA TYR D 67 25.24 -3.65 22.19
C TYR D 67 26.29 -4.70 21.85
N PHE D 68 27.46 -4.57 22.47
CA PHE D 68 28.55 -5.51 22.20
C PHE D 68 29.14 -6.10 23.46
N PRO D 69 28.31 -6.80 24.25
CA PRO D 69 28.74 -7.43 25.51
C PRO D 69 29.88 -8.45 25.36
N LYS D 70 30.06 -9.01 24.17
CA LYS D 70 31.13 -9.96 23.95
C LYS D 70 32.26 -9.37 23.14
N ALA D 71 32.35 -8.05 23.09
CA ALA D 71 33.46 -7.44 22.35
C ALA D 71 34.73 -7.91 23.07
N LEU D 72 35.85 -8.01 22.35
CA LEU D 72 37.16 -8.39 22.93
C LEU D 72 37.56 -7.27 23.90
N ASP D 73 38.19 -7.64 25.01
CA ASP D 73 38.52 -6.68 26.08
C ASP D 73 39.38 -5.49 25.62
N ASP D 74 40.28 -5.68 24.67
CA ASP D 74 41.11 -4.59 24.20
C ASP D 74 40.51 -3.89 22.99
N ARG D 75 39.26 -4.17 22.68
CA ARG D 75 38.61 -3.54 21.54
C ARG D 75 37.31 -2.82 21.92
N ILE D 76 36.68 -3.18 23.07
CA ILE D 76 35.43 -2.54 23.45
C ILE D 76 35.59 -1.00 23.49
N HIS D 77 36.74 -0.48 23.94
CA HIS D 77 36.93 0.97 24.00
C HIS D 77 36.87 1.67 22.63
N PHE D 78 37.29 1.02 21.55
CA PHE D 78 37.21 1.65 20.25
C PHE D 78 35.72 1.89 19.90
N ALA D 79 34.91 0.85 20.05
CA ALA D 79 33.48 0.95 19.76
C ALA D 79 32.84 2.05 20.62
N CYS D 80 33.23 2.13 21.89
CA CYS D 80 32.65 3.13 22.79
C CYS D 80 33.00 4.54 22.31
N ARG D 81 34.23 4.73 21.85
CA ARG D 81 34.66 6.05 21.37
C ARG D 81 33.95 6.43 20.08
N LEU D 82 33.81 5.45 19.18
CA LEU D 82 33.15 5.69 17.91
C LEU D 82 31.69 6.07 18.10
N LEU D 83 30.96 5.33 18.96
CA LEU D 83 29.55 5.68 19.15
C LEU D 83 29.42 6.95 19.98
N THR D 84 30.30 7.16 20.95
CA THR D 84 30.20 8.39 21.70
C THR D 84 30.36 9.60 20.76
N VAL D 85 31.41 9.62 19.93
CA VAL D 85 31.54 10.77 19.03
C VAL D 85 30.36 10.82 18.02
N LEU D 86 29.88 9.68 17.57
CA LEU D 86 28.75 9.72 16.63
C LEU D 86 27.48 10.27 17.29
N PHE D 87 27.27 9.96 18.57
CA PHE D 87 26.10 10.50 19.26
C PHE D 87 26.29 12.00 19.49
N LEU D 88 27.52 12.42 19.83
CA LEU D 88 27.79 13.82 20.06
C LEU D 88 27.52 14.61 18.78
N ILE D 89 27.98 14.06 17.66
CA ILE D 89 27.75 14.72 16.38
C ILE D 89 26.24 14.80 16.11
N ASP D 90 25.52 13.71 16.41
CA ASP D 90 24.06 13.65 16.23
C ASP D 90 23.40 14.83 16.93
N ASP D 91 23.77 15.06 18.18
CA ASP D 91 23.24 16.18 18.95
C ASP D 91 23.47 17.48 18.17
N LEU D 92 24.66 17.61 17.60
CA LEU D 92 25.08 18.78 16.82
C LEU D 92 24.36 19.02 15.48
N LEU D 93 24.16 17.96 14.69
CA LEU D 93 23.49 18.09 13.38
C LEU D 93 22.05 18.57 13.55
N GLU D 94 21.55 18.40 14.76
CA GLU D 94 20.18 18.79 15.13
C GLU D 94 19.97 20.29 15.01
N TYR D 95 21.02 21.05 15.30
CA TYR D 95 20.94 22.50 15.24
C TYR D 95 21.65 22.99 13.97
N MET D 96 21.66 22.15 12.94
CA MET D 96 22.30 22.49 11.67
C MET D 96 21.38 22.26 10.49
N SER D 97 21.68 22.94 9.38
CA SER D 97 20.90 22.85 8.14
C SER D 97 20.82 21.41 7.66
N PHE D 98 21.11 21.23 6.41
CA PHE D 98 21.17 19.97 5.71
C PHE D 98 22.49 20.08 5.02
N GLU D 99 22.73 21.32 4.58
CA GLU D 99 23.93 21.71 3.88
C GLU D 99 25.04 21.90 4.90
N GLU D 100 24.71 22.50 6.03
CA GLU D 100 25.65 22.70 7.10
C GLU D 100 26.06 21.36 7.65
N GLY D 101 25.04 20.54 7.94
CA GLY D 101 25.27 19.22 8.46
C GLY D 101 26.01 18.32 7.50
N SER D 102 25.66 18.37 6.22
CA SER D 102 26.31 17.52 5.24
C SER D 102 27.76 17.94 5.06
N ALA D 103 27.99 19.24 5.12
CA ALA D 103 29.32 19.80 4.98
C ALA D 103 30.17 19.39 6.18
N TYR D 104 29.55 19.44 7.37
CA TYR D 104 30.19 19.08 8.61
C TYR D 104 30.73 17.66 8.58
N ASN D 105 29.86 16.71 8.33
CA ASN D 105 30.24 15.30 8.26
C ASN D 105 31.22 15.01 7.14
N GLU D 106 30.96 15.57 5.97
CA GLU D 106 31.81 15.33 4.82
C GLU D 106 33.28 15.62 5.08
N LYS D 107 33.58 16.72 5.79
CA LYS D 107 34.94 17.07 6.11
C LYS D 107 35.58 15.98 6.96
N LEU D 108 34.76 15.38 7.82
CA LEU D 108 35.26 14.35 8.70
C LEU D 108 35.60 13.02 8.04
N ILE D 109 35.09 12.78 6.84
CA ILE D 109 35.37 11.51 6.17
C ILE D 109 36.81 11.31 5.72
N PRO D 110 37.41 12.30 5.02
CA PRO D 110 38.81 12.12 4.58
C PRO D 110 39.70 12.04 5.81
N ILE D 111 39.32 12.76 6.86
CA ILE D 111 40.08 12.75 8.11
C ILE D 111 40.02 11.36 8.73
N SER D 112 38.86 10.71 8.61
CA SER D 112 38.66 9.37 9.15
C SER D 112 39.51 8.35 8.41
N ARG D 113 39.65 8.54 7.10
CA ARG D 113 40.45 7.64 6.28
C ARG D 113 41.92 7.89 6.59
N GLY D 114 42.20 9.03 7.20
CA GLY D 114 43.58 9.37 7.49
C GLY D 114 44.22 10.09 6.33
N ASP D 115 43.44 10.38 5.28
CA ASP D 115 43.96 11.07 4.09
C ASP D 115 44.15 12.56 4.33
N VAL D 116 43.47 13.10 5.33
CA VAL D 116 43.59 14.51 5.65
C VAL D 116 43.86 14.62 7.14
N LEU D 117 44.89 15.41 7.50
CA LEU D 117 45.24 15.60 8.90
C LEU D 117 44.27 16.55 9.56
N PRO D 118 44.05 16.39 10.87
CA PRO D 118 43.12 17.24 11.64
C PRO D 118 43.73 18.55 12.13
N ASP D 119 42.91 19.56 12.29
CA ASP D 119 43.35 20.81 12.87
C ASP D 119 43.34 20.52 14.36
N ARG D 120 44.54 20.42 14.93
CA ARG D 120 44.73 20.12 16.35
C ARG D 120 43.95 21.05 17.31
N SER D 121 43.33 22.10 16.80
CA SER D 121 42.55 22.99 17.66
C SER D 121 41.05 22.73 17.58
N ILE D 122 40.65 21.79 16.70
CA ILE D 122 39.24 21.44 16.50
C ILE D 122 39.06 20.03 17.06
N PRO D 123 38.49 19.92 18.28
CA PRO D 123 38.28 18.60 18.88
C PRO D 123 37.69 17.52 17.99
N VAL D 124 36.55 17.78 17.34
CA VAL D 124 35.91 16.74 16.52
C VAL D 124 36.88 16.18 15.48
N GLU D 125 37.70 17.04 14.89
CA GLU D 125 38.66 16.60 13.89
C GLU D 125 39.77 15.71 14.44
N TYR D 126 40.49 16.17 15.46
CA TYR D 126 41.55 15.34 16.00
C TYR D 126 41.05 14.10 16.76
N ILE D 127 39.87 14.19 17.36
CA ILE D 127 39.31 13.05 18.07
C ILE D 127 39.07 11.95 17.03
N ILE D 128 38.48 12.35 15.91
CA ILE D 128 38.13 11.42 14.85
C ILE D 128 39.39 10.84 14.23
N TYR D 129 40.35 11.71 13.95
CA TYR D 129 41.60 11.30 13.35
C TYR D 129 42.34 10.29 14.20
N ASP D 130 42.55 10.63 15.48
CA ASP D 130 43.26 9.76 16.39
C ASP D 130 42.54 8.44 16.61
N LEU D 131 41.22 8.50 16.66
CA LEU D 131 40.46 7.28 16.88
C LEU D 131 40.72 6.27 15.79
N TRP D 132 40.52 6.68 14.55
CA TRP D 132 40.72 5.79 13.40
C TRP D 132 42.18 5.34 13.28
N GLU D 133 43.08 6.25 13.58
CA GLU D 133 44.50 5.91 13.52
C GLU D 133 44.74 4.82 14.54
N SER D 134 44.14 4.94 15.72
CA SER D 134 44.34 3.92 16.74
C SER D 134 43.71 2.59 16.32
N MET D 135 42.59 2.63 15.59
CA MET D 135 41.95 1.39 15.15
C MET D 135 42.77 0.69 14.08
N ARG D 136 43.33 1.45 13.14
CA ARG D 136 44.19 0.86 12.13
C ARG D 136 45.45 0.25 12.78
N ALA D 137 45.97 0.92 13.81
CA ALA D 137 47.17 0.42 14.50
C ALA D 137 46.88 -0.89 15.24
N HIS D 138 45.62 -1.12 15.62
CA HIS D 138 45.30 -2.35 16.35
C HIS D 138 45.01 -3.53 15.41
N ASP D 139 44.30 -3.25 14.33
CA ASP D 139 43.94 -4.26 13.34
C ASP D 139 43.61 -3.51 12.07
N ARG D 140 44.61 -3.33 11.21
CA ARG D 140 44.48 -2.59 9.96
C ARG D 140 43.38 -3.10 9.03
N GLU D 141 43.42 -4.38 8.70
CA GLU D 141 42.40 -4.94 7.82
C GLU D 141 40.98 -4.73 8.34
N MET D 142 40.71 -5.12 9.59
CA MET D 142 39.35 -4.98 10.13
C MET D 142 38.89 -3.54 10.28
N ALA D 143 39.81 -2.65 10.64
CA ALA D 143 39.48 -1.24 10.79
C ALA D 143 39.07 -0.68 9.41
N ASP D 144 39.85 -0.99 8.39
CA ASP D 144 39.52 -0.50 7.07
C ASP D 144 38.14 -1.01 6.61
N GLU D 145 37.79 -2.23 7.03
CA GLU D 145 36.52 -2.81 6.65
C GLU D 145 35.30 -2.13 7.23
N ILE D 146 35.46 -1.34 8.29
CA ILE D 146 34.29 -0.65 8.84
C ILE D 146 34.23 0.80 8.37
N LEU D 147 35.16 1.19 7.51
CA LEU D 147 35.14 2.56 7.00
C LEU D 147 33.85 2.91 6.27
N GLU D 148 33.56 2.19 5.18
CA GLU D 148 32.35 2.50 4.39
C GLU D 148 31.04 2.38 5.19
N PRO D 149 30.91 1.35 6.05
CA PRO D 149 29.67 1.25 6.82
C PRO D 149 29.50 2.52 7.66
N VAL D 150 30.60 3.04 8.19
CA VAL D 150 30.49 4.24 8.97
C VAL D 150 30.14 5.43 8.09
N PHE D 151 30.81 5.57 6.94
CA PHE D 151 30.50 6.69 6.07
C PHE D 151 29.04 6.64 5.56
N LEU D 152 28.57 5.44 5.19
CA LEU D 152 27.17 5.26 4.72
C LEU D 152 26.23 5.85 5.75
N PHE D 153 26.49 5.55 7.02
CA PHE D 153 25.66 6.06 8.10
C PHE D 153 25.76 7.56 8.23
N MET D 154 26.99 8.07 8.22
CA MET D 154 27.20 9.50 8.36
C MET D 154 26.45 10.24 7.27
N ARG D 155 26.63 9.83 6.03
CA ARG D 155 25.96 10.50 4.95
C ARG D 155 24.44 10.35 5.09
N ALA D 156 23.97 9.16 5.48
CA ALA D 156 22.54 8.97 5.66
C ALA D 156 21.91 9.91 6.70
N GLN D 157 22.67 10.38 7.70
CA GLN D 157 22.14 11.30 8.73
C GLN D 157 21.48 12.49 8.06
N THR D 158 22.20 12.99 7.05
CA THR D 158 21.80 14.09 6.19
C THR D 158 21.40 13.41 4.90
N ASP D 159 20.19 13.05 4.85
CA ASP D 159 19.59 12.32 3.80
C ASP D 159 19.35 13.01 2.53
N ARG D 160 18.06 13.14 2.49
CA ARG D 160 17.10 13.65 1.55
C ARG D 160 16.60 12.55 0.67
N THR D 161 15.49 12.11 1.25
CA THR D 161 14.58 11.03 0.99
C THR D 161 13.31 11.34 0.19
N ARG D 162 13.18 10.57 -0.84
CA ARG D 162 12.08 10.60 -1.73
C ARG D 162 10.76 10.29 -1.02
N ALA D 163 9.87 11.25 -0.99
CA ALA D 163 8.56 11.05 -0.37
C ALA D 163 7.63 10.27 -1.30
N ARG D 164 7.01 9.21 -0.76
CA ARG D 164 6.08 8.38 -1.52
C ARG D 164 5.13 7.67 -0.56
N PRO D 165 4.05 7.10 -1.09
CA PRO D 165 3.12 6.36 -0.20
C PRO D 165 3.82 5.12 0.36
N MET D 166 3.86 4.98 1.68
CA MET D 166 4.48 3.81 2.32
C MET D 166 3.64 3.29 3.48
N GLY D 167 3.21 2.05 3.34
CA GLY D 167 2.39 1.41 4.33
C GLY D 167 3.30 0.68 5.30
N LEU D 168 2.72 -0.11 6.19
CA LEU D 168 3.51 -0.82 7.18
C LEU D 168 4.52 -1.82 6.55
N GLY D 169 4.08 -2.58 5.55
CA GLY D 169 4.96 -3.55 4.89
C GLY D 169 6.16 -2.92 4.16
N GLY D 170 5.91 -1.81 3.49
CA GLY D 170 6.95 -1.10 2.78
C GLY D 170 7.93 -0.48 3.79
N TYR D 171 7.40 0.02 4.90
CA TYR D 171 8.26 0.62 5.91
C TYR D 171 9.19 -0.42 6.54
N LEU D 172 8.60 -1.55 6.97
CA LEU D 172 9.43 -2.60 7.57
C LEU D 172 10.46 -3.11 6.55
N GLU D 173 10.05 -3.33 5.30
CA GLU D 173 11.00 -3.81 4.31
C GLU D 173 12.15 -2.83 4.24
N TYR D 174 11.82 -1.55 4.23
CA TYR D 174 12.82 -0.48 4.19
C TYR D 174 13.78 -0.57 5.39
N ARG D 175 13.25 -0.78 6.60
CA ARG D 175 14.11 -0.87 7.76
C ARG D 175 14.97 -2.12 7.77
N GLU D 176 14.64 -3.14 6.96
CA GLU D 176 15.47 -4.34 6.93
C GLU D 176 16.87 -4.03 6.39
N ARG D 177 16.97 -2.93 5.65
CA ARG D 177 18.22 -2.48 5.03
C ARG D 177 18.78 -1.20 5.65
N ASP D 178 18.33 -0.87 6.86
CA ASP D 178 18.77 0.33 7.54
C ASP D 178 20.30 0.34 7.65
N VAL D 179 20.92 1.44 7.24
CA VAL D 179 22.38 1.53 7.29
C VAL D 179 22.94 1.72 8.71
N GLY D 180 22.15 2.28 9.60
CA GLY D 180 22.59 2.45 10.97
C GLY D 180 22.72 1.07 11.58
N LYS D 181 21.74 0.22 11.30
CA LYS D 181 21.76 -1.14 11.83
C LYS D 181 22.87 -1.95 11.17
N GLU D 182 23.16 -1.71 9.88
CA GLU D 182 24.26 -2.43 9.25
C GLU D 182 25.55 -1.98 9.93
N LEU D 183 25.65 -0.69 10.28
CA LEU D 183 26.85 -0.20 10.97
C LEU D 183 27.07 -0.95 12.29
N LEU D 184 26.02 -1.10 13.10
CA LEU D 184 26.16 -1.82 14.37
C LEU D 184 26.69 -3.24 14.16
N ALA D 185 26.18 -3.91 13.13
CA ALA D 185 26.58 -5.27 12.82
C ALA D 185 28.05 -5.27 12.39
N ALA D 186 28.44 -4.26 11.63
CA ALA D 186 29.82 -4.15 11.18
C ALA D 186 30.74 -3.86 12.37
N LEU D 187 30.35 -2.92 13.20
CA LEU D 187 31.16 -2.58 14.36
C LEU D 187 31.20 -3.73 15.37
N MET D 188 30.14 -4.55 15.38
CA MET D 188 30.12 -5.71 16.26
C MET D 188 31.23 -6.68 15.83
N ARG D 189 31.27 -6.93 14.53
CA ARG D 189 32.28 -7.83 13.99
C ARG D 189 33.68 -7.30 14.34
N PHE D 190 33.93 -6.02 14.11
CA PHE D 190 35.25 -5.45 14.45
C PHE D 190 35.57 -5.66 15.94
N SER D 191 34.62 -5.28 16.79
CA SER D 191 34.77 -5.37 18.24
C SER D 191 35.05 -6.77 18.77
N MET D 192 34.50 -7.76 18.06
CA MET D 192 34.69 -9.14 18.45
C MET D 192 35.81 -9.83 17.68
N GLY D 193 36.45 -9.14 16.75
CA GLY D 193 37.51 -9.75 15.96
C GLY D 193 36.99 -10.88 15.09
N LEU D 194 35.70 -10.79 14.70
CA LEU D 194 35.04 -11.80 13.88
C LEU D 194 35.24 -11.54 12.40
N LYS D 195 36.06 -12.36 11.78
CA LYS D 195 36.31 -12.21 10.35
C LYS D 195 35.34 -13.21 9.71
N LEU D 196 34.40 -12.66 8.95
CA LEU D 196 33.38 -13.44 8.26
C LEU D 196 33.47 -13.14 6.77
N SER D 197 33.39 -14.16 5.95
CA SER D 197 33.45 -13.94 4.51
C SER D 197 32.06 -13.55 3.98
N PRO D 198 32.00 -12.77 2.89
CA PRO D 198 30.71 -12.38 2.33
C PRO D 198 29.90 -13.64 1.99
N SER D 199 30.60 -14.76 1.79
CA SER D 199 29.93 -16.01 1.50
C SER D 199 29.20 -16.45 2.76
N GLU D 200 29.86 -16.32 3.93
CA GLU D 200 29.21 -16.69 5.19
C GLU D 200 28.08 -15.70 5.53
N LEU D 201 28.30 -14.42 5.22
CA LEU D 201 27.28 -13.43 5.52
C LEU D 201 26.05 -13.60 4.63
N GLN D 202 26.26 -14.13 3.42
CA GLN D 202 25.17 -14.38 2.47
C GLN D 202 24.16 -15.26 3.18
N ARG D 203 24.70 -16.28 3.84
CA ARG D 203 23.89 -17.28 4.53
C ARG D 203 22.99 -16.77 5.60
N VAL D 204 23.28 -15.58 6.12
CA VAL D 204 22.45 -15.08 7.21
C VAL D 204 21.73 -13.76 6.87
N ARG D 205 21.51 -13.53 5.59
CA ARG D 205 20.84 -12.31 5.19
C ARG D 205 19.46 -12.15 5.82
N GLU D 206 18.70 -13.23 5.95
CA GLU D 206 17.34 -13.11 6.53
C GLU D 206 17.41 -12.77 8.02
N ILE D 207 18.41 -13.33 8.69
CA ILE D 207 18.61 -13.06 10.11
C ILE D 207 19.03 -11.60 10.27
N ASP D 208 19.91 -11.10 9.39
CA ASP D 208 20.31 -9.69 9.47
C ASP D 208 19.11 -8.75 9.27
N ALA D 209 18.30 -9.04 8.24
CA ALA D 209 17.11 -8.20 7.97
C ALA D 209 16.13 -8.16 9.15
N ASN D 210 15.86 -9.34 9.69
CA ASN D 210 14.92 -9.50 10.79
C ASN D 210 15.49 -8.72 11.99
N CYS D 211 16.80 -8.80 12.19
CA CYS D 211 17.41 -8.08 13.30
C CYS D 211 17.30 -6.57 13.05
N SER D 212 17.62 -6.11 11.84
CA SER D 212 17.53 -4.69 11.52
C SER D 212 16.12 -4.13 11.80
N LYS D 213 15.10 -4.91 11.41
CA LYS D 213 13.70 -4.52 11.65
C LYS D 213 13.40 -4.41 13.16
N HIS D 214 13.80 -5.43 13.93
CA HIS D 214 13.58 -5.41 15.39
C HIS D 214 14.21 -4.16 16.04
N LEU D 215 15.46 -3.89 15.72
CA LEU D 215 16.15 -2.72 16.29
C LEU D 215 15.45 -1.39 15.93
N SER D 216 15.01 -1.29 14.67
CA SER D 216 14.35 -0.05 14.23
C SER D 216 12.99 0.13 14.83
N VAL D 217 12.21 -0.95 14.96
CA VAL D 217 10.90 -0.81 15.55
C VAL D 217 10.98 -0.55 17.06
N VAL D 218 11.91 -1.21 17.75
CA VAL D 218 12.06 -0.92 19.18
C VAL D 218 12.49 0.56 19.29
N ASN D 219 13.43 1.02 18.46
CA ASN D 219 13.78 2.43 18.57
C ASN D 219 12.55 3.31 18.23
N ASP D 220 11.75 2.92 17.22
CA ASP D 220 10.56 3.70 16.90
C ASP D 220 9.65 3.85 18.12
N ILE D 221 9.38 2.73 18.79
CA ILE D 221 8.51 2.73 19.95
C ILE D 221 8.91 3.74 21.01
N TYR D 222 10.20 3.72 21.35
CA TYR D 222 10.68 4.59 22.41
C TYR D 222 11.03 6.01 22.04
N SER D 223 11.38 6.25 20.78
CA SER D 223 11.73 7.61 20.36
C SER D 223 10.59 8.37 19.69
N TYR D 224 9.37 7.81 19.74
CA TYR D 224 8.22 8.46 19.13
C TYR D 224 8.00 9.90 19.65
N GLU D 225 7.95 10.06 20.97
CA GLU D 225 7.74 11.40 21.57
C GLU D 225 8.83 12.36 21.13
N LYS D 226 10.06 11.90 21.15
CA LYS D 226 11.20 12.70 20.74
C LYS D 226 10.95 13.23 19.33
N GLU D 227 10.82 12.31 18.37
CA GLU D 227 10.63 12.63 16.97
C GLU D 227 9.40 13.49 16.76
N LEU D 228 8.31 13.14 17.42
CA LEU D 228 7.06 13.88 17.31
C LEU D 228 7.28 15.34 17.69
N TYR D 229 7.89 15.61 18.84
CA TYR D 229 8.12 16.98 19.24
C TYR D 229 9.01 17.73 18.27
N THR D 230 10.15 17.14 17.93
CA THR D 230 11.07 17.80 16.99
C THR D 230 10.38 17.94 15.64
N SER D 231 9.25 17.27 15.48
CA SER D 231 8.51 17.31 14.22
C SER D 231 7.60 18.53 14.20
N LYS D 232 7.38 19.10 15.38
CA LYS D 232 6.52 20.27 15.50
C LYS D 232 7.37 21.53 15.64
N LEU D 241 5.86 12.15 10.22
CA LEU D 241 7.15 11.48 10.37
C LEU D 241 7.10 10.08 9.76
N CYS D 242 8.28 9.48 9.56
CA CYS D 242 8.36 8.15 8.99
C CYS D 242 8.73 7.16 10.10
N THR D 243 7.73 6.60 10.77
CA THR D 243 7.99 5.67 11.87
C THR D 243 6.87 4.65 11.95
N SER D 244 7.22 3.42 12.31
CA SER D 244 6.20 2.39 12.42
C SER D 244 5.06 2.73 13.39
N VAL D 245 5.33 3.56 14.40
CA VAL D 245 4.29 3.92 15.37
C VAL D 245 3.16 4.75 14.72
N GLN D 246 3.53 5.72 13.90
CA GLN D 246 2.55 6.57 13.25
C GLN D 246 1.82 5.78 12.16
N ILE D 247 2.58 4.98 11.42
CA ILE D 247 2.01 4.20 10.32
C ILE D 247 1.01 3.17 10.82
N LEU D 248 1.38 2.41 11.86
CA LEU D 248 0.45 1.41 12.37
C LEU D 248 -0.76 2.10 13.00
N ALA D 249 -0.52 3.21 13.72
CA ALA D 249 -1.63 3.94 14.32
C ALA D 249 -2.65 4.35 13.25
N GLN D 250 -2.17 4.85 12.10
CA GLN D 250 -3.06 5.25 11.03
C GLN D 250 -3.77 4.08 10.33
N GLU D 251 -3.05 2.99 10.12
CA GLU D 251 -3.64 1.85 9.44
C GLU D 251 -4.66 1.13 10.28
N ALA D 252 -4.43 1.10 11.59
CA ALA D 252 -5.34 0.37 12.47
C ALA D 252 -6.33 1.30 13.16
N ASP D 253 -6.15 2.59 12.95
CA ASP D 253 -6.92 3.66 13.58
C ASP D 253 -6.97 3.48 15.09
N VAL D 254 -5.78 3.55 15.69
CA VAL D 254 -5.66 3.46 17.15
C VAL D 254 -4.69 4.56 17.54
N THR D 255 -4.49 4.78 18.83
CA THR D 255 -3.57 5.82 19.28
C THR D 255 -2.13 5.38 19.09
N ALA D 256 -1.20 6.32 19.13
CA ALA D 256 0.18 5.96 18.97
C ALA D 256 0.59 5.00 20.13
N GLU D 257 0.03 5.22 21.30
CA GLU D 257 0.36 4.39 22.46
C GLU D 257 -0.08 2.95 22.23
N ALA D 258 -1.26 2.79 21.65
CA ALA D 258 -1.80 1.45 21.34
C ALA D 258 -0.92 0.84 20.24
N ALA D 259 -0.53 1.66 19.27
CA ALA D 259 0.32 1.15 18.20
C ALA D 259 1.65 0.63 18.78
N LYS D 260 2.23 1.34 19.76
CA LYS D 260 3.49 0.87 20.38
C LYS D 260 3.32 -0.51 20.96
N ARG D 261 2.21 -0.70 21.68
CA ARG D 261 1.94 -1.99 22.31
C ARG D 261 1.91 -3.12 21.27
N VAL D 262 1.16 -2.86 20.18
CA VAL D 262 1.04 -3.86 19.12
C VAL D 262 2.39 -4.16 18.48
N LEU D 263 3.15 -3.11 18.17
CA LEU D 263 4.50 -3.30 17.59
C LEU D 263 5.40 -4.08 18.55
N PHE D 264 5.24 -3.84 19.85
CA PHE D 264 6.07 -4.59 20.79
C PHE D 264 5.81 -6.07 20.67
N VAL D 265 4.56 -6.46 20.43
CA VAL D 265 4.24 -7.86 20.29
C VAL D 265 4.85 -8.40 19.01
N MET D 266 4.78 -7.63 17.93
CA MET D 266 5.41 -8.00 16.67
C MET D 266 6.92 -8.20 16.90
N CYS D 267 7.54 -7.33 17.70
CA CYS D 267 8.98 -7.49 18.00
C CYS D 267 9.25 -8.86 18.63
N ARG D 268 8.35 -9.32 19.52
CA ARG D 268 8.56 -10.62 20.11
C ARG D 268 8.41 -11.71 19.04
N GLU D 269 7.53 -11.50 18.06
CA GLU D 269 7.43 -12.52 17.01
C GLU D 269 8.73 -12.54 16.21
N TRP D 270 9.38 -11.39 16.02
CA TRP D 270 10.64 -11.43 15.27
C TRP D 270 11.75 -12.09 16.10
N GLU D 271 11.64 -12.00 17.41
CA GLU D 271 12.63 -12.64 18.29
C GLU D 271 12.47 -14.15 18.08
N LEU D 272 11.23 -14.61 18.00
CA LEU D 272 10.99 -16.03 17.80
C LEU D 272 11.53 -16.45 16.43
N ARG D 273 11.29 -15.62 15.41
CA ARG D 273 11.76 -15.90 14.05
C ARG D 273 13.29 -15.98 14.04
N HIS D 274 13.93 -15.07 14.77
CA HIS D 274 15.38 -15.11 14.84
C HIS D 274 15.83 -16.49 15.33
N GLN D 275 15.20 -16.96 16.39
CA GLN D 275 15.55 -18.27 16.94
C GLN D 275 15.30 -19.40 15.93
N LEU D 276 14.16 -19.35 15.24
CA LEU D 276 13.87 -20.39 14.24
C LEU D 276 14.87 -20.32 13.08
N LEU D 277 15.25 -19.10 12.68
CA LEU D 277 16.20 -18.93 11.60
C LEU D 277 17.58 -19.47 12.00
N VAL D 278 17.96 -19.20 13.25
CA VAL D 278 19.25 -19.68 13.71
C VAL D 278 19.27 -21.20 13.77
N ALA D 279 18.15 -21.80 14.16
CA ALA D 279 18.04 -23.26 14.23
C ALA D 279 18.11 -23.88 12.84
N ARG D 280 17.52 -23.21 11.84
CA ARG D 280 17.61 -23.68 10.44
C ARG D 280 19.08 -23.67 9.88
N LEU D 281 19.88 -22.62 10.19
CA LEU D 281 21.29 -22.47 9.73
C LEU D 281 22.07 -23.67 10.22
N SER D 282 21.78 -23.94 11.45
CA SER D 282 22.39 -25.05 12.12
C SER D 282 21.93 -26.35 11.54
N ALA D 283 20.63 -26.50 11.30
CA ALA D 283 20.09 -27.75 10.76
C ALA D 283 20.51 -28.04 9.33
N GLU D 284 20.65 -27.00 8.53
CA GLU D 284 21.04 -27.16 7.14
C GLU D 284 22.56 -27.31 6.97
N GLY D 285 23.26 -27.42 8.09
CA GLY D 285 24.70 -27.60 8.09
C GLY D 285 25.46 -26.42 7.51
N LEU D 286 24.88 -25.22 7.65
CA LEU D 286 25.48 -24.01 7.11
C LEU D 286 26.15 -23.13 8.14
N GLU D 287 26.00 -23.50 9.40
CA GLU D 287 26.61 -22.69 10.43
C GLU D 287 28.10 -22.97 10.52
N THR D 288 28.84 -21.96 10.94
CA THR D 288 30.28 -22.08 11.15
C THR D 288 30.46 -21.49 12.53
N PRO D 289 31.63 -21.69 13.15
CA PRO D 289 31.81 -21.13 14.48
C PRO D 289 31.69 -19.60 14.47
N GLY D 290 32.21 -18.97 13.42
CA GLY D 290 32.13 -17.54 13.32
C GLY D 290 30.69 -17.06 13.16
N LEU D 291 29.86 -17.81 12.42
CA LEU D 291 28.46 -17.43 12.23
C LEU D 291 27.65 -17.65 13.50
N ALA D 292 28.00 -18.68 14.26
CA ALA D 292 27.30 -18.96 15.52
C ALA D 292 27.54 -17.77 16.46
N ALA D 293 28.77 -17.28 16.52
CA ALA D 293 29.08 -16.15 17.37
C ALA D 293 28.36 -14.88 16.87
N TYR D 294 28.36 -14.69 15.56
CA TYR D 294 27.72 -13.52 14.94
C TYR D 294 26.22 -13.44 15.24
N VAL D 295 25.48 -14.52 14.97
CA VAL D 295 24.03 -14.48 15.16
C VAL D 295 23.67 -14.30 16.63
N GLU D 296 24.47 -14.86 17.54
CA GLU D 296 24.22 -14.70 18.98
C GLU D 296 24.45 -13.21 19.35
N GLY D 297 25.47 -12.59 18.73
CA GLY D 297 25.74 -11.18 19.00
C GLY D 297 24.60 -10.31 18.49
N LEU D 298 23.97 -10.70 17.39
CA LEU D 298 22.84 -9.90 16.87
C LEU D 298 21.75 -9.93 17.93
N GLU D 299 21.55 -11.09 18.55
CA GLU D 299 20.55 -11.19 19.62
C GLU D 299 20.83 -10.20 20.76
N TYR D 300 22.10 -10.03 21.11
CA TYR D 300 22.49 -9.13 22.19
C TYR D 300 22.19 -7.70 21.79
N GLN D 301 22.37 -7.38 20.51
CA GLN D 301 22.07 -6.02 20.06
C GLN D 301 20.57 -5.77 20.19
N MET D 302 19.75 -6.74 19.81
CA MET D 302 18.31 -6.53 19.91
C MET D 302 17.84 -6.33 21.36
N SER D 303 18.25 -7.20 22.29
CA SER D 303 17.85 -7.09 23.71
C SER D 303 18.51 -5.88 24.41
N GLY D 304 19.77 -5.61 24.05
CA GLY D 304 20.45 -4.48 24.64
C GLY D 304 19.81 -3.17 24.20
N ASN D 305 19.45 -3.08 22.91
CA ASN D 305 18.82 -1.88 22.41
C ASN D 305 17.50 -1.65 23.17
N GLU D 306 16.79 -2.72 23.49
CA GLU D 306 15.53 -2.58 24.22
C GLU D 306 15.73 -2.03 25.64
N LEU D 307 16.65 -2.64 26.38
CA LEU D 307 16.93 -2.18 27.75
C LEU D 307 17.32 -0.71 27.72
N TRP D 308 18.30 -0.37 26.88
CA TRP D 308 18.73 1.03 26.82
C TRP D 308 17.61 2.01 26.41
N SER D 309 16.92 1.70 25.32
CA SER D 309 15.86 2.59 24.84
C SER D 309 14.81 2.90 25.89
N GLN D 310 14.48 1.93 26.73
CA GLN D 310 13.44 2.17 27.72
C GLN D 310 13.94 2.81 28.98
N THR D 311 15.25 2.96 29.12
CA THR D 311 15.76 3.56 30.34
C THR D 311 16.46 4.90 30.14
N THR D 312 16.92 5.16 28.92
CA THR D 312 17.65 6.38 28.66
C THR D 312 16.82 7.65 28.68
N LEU D 313 17.44 8.73 29.16
CA LEU D 313 16.79 10.00 29.22
C LEU D 313 16.77 10.66 27.84
N ARG D 314 17.52 10.08 26.91
CA ARG D 314 17.56 10.57 25.55
C ARG D 314 16.12 10.59 24.96
N TYR D 315 15.31 9.60 25.34
CA TYR D 315 13.94 9.56 24.85
C TYR D 315 13.00 9.96 25.98
N SER D 316 13.58 10.60 26.99
CA SER D 316 12.90 11.10 28.17
C SER D 316 12.12 10.00 28.88
N VAL D 317 12.77 9.31 29.83
CA VAL D 317 12.13 8.21 30.56
C VAL D 317 10.92 8.66 31.39
#